data_7WJD
#
_entry.id   7WJD
#
_cell.length_a   151.970
_cell.length_b   151.970
_cell.length_c   177.671
_cell.angle_alpha   90.000
_cell.angle_beta   90.000
_cell.angle_gamma   120.000
#
_symmetry.space_group_name_H-M   'P 63 2 2'
#
loop_
_entity.id
_entity.type
_entity.pdbx_description
1 polymer Alpha-xylosidase
2 branched alpha-D-glucopyranose-(1-3)-alpha-D-glucopyranose-(1-3)-alpha-D-glucopyranose
3 non-polymer beta-D-glucopyranose
4 non-polymer 1,2-ETHANEDIOL
5 water water
#
_entity_poly.entity_id   1
_entity_poly.type   'polypeptide(L)'
_entity_poly.pdbx_seq_one_letter_code
;MGSSHHHHHHSSGLVPRGSHMVSELESKYMNNNIIKFDKARFTVLTEHLIRIEYSETGEFEERMTQMVQNREFSEVNFDI
IEKEETIEIITSTVHLYYNGGEFTNASLFADVKFNFSVYSNRWYFGEKSDGNLKGTTRTLDMIDGECPLEDGIMSKNGFA
VLADKGKVLTEVGDIAGNSVSTIDLYLFAYGRDYRQALKDFYQLTGNTPKLPRFALGNWWSRYYDYSDKSYLALMDKFTD
KKVPLSVSVIDMDWHKVSEVPSRFGSGWTGYSWNKKLFPNPENFIDELHQRKLKVTLNDHPADGIRAFEDPYPQVAQTLD
LNTELEEAAKFDFDNLKFRKAYFEEVHGPLEKEGVDFWWIDWQQGAISKSGVDPLWLLNHYQYQNAQKKHKNNIILSRYA
GPGSHRYPLGFSGASVISWASLDFQPYFTSTASNIGYTWWSHDIGGHMQGYKDAELSLRWLQFGVFSPINRLHSSKSEFT
SKEPWHFDAVIEQSMIDFLQLRHQLIPYLYSANLITASEGRALVEPLYYEYPMEEEAYQHRNQYLFGEQLMVAPITEKMN
SLLQMGSVEVWFPEGTWYDFFSGQPYDGKVSLKVYREITEMPVFAKAGAIIPLDKNPLKKEEIPSEIIWKIFPGADGEYL
LLEEDNETKAEFVNGIFTVTSKKESSRKHTIIYGEHEIVSAKRGEFSIDLNGKEENFDWNFSTALFRRLDIAEISYEQKD
EILQQLSLIEEHEKQVAFIKTNENQELQNSLFELLYSGK
;
_entity_poly.pdbx_strand_id   A
#
# COMPACT_ATOMS: atom_id res chain seq x y z
N ASN A 31 -35.49 -7.99 -6.69
CA ASN A 31 -36.23 -9.24 -7.07
C ASN A 31 -36.35 -9.35 -8.60
N ASN A 32 -36.49 -8.24 -9.33
CA ASN A 32 -36.45 -8.23 -10.82
C ASN A 32 -35.05 -8.66 -11.31
N ASN A 33 -34.03 -8.41 -10.49
CA ASN A 33 -32.61 -8.71 -10.83
C ASN A 33 -32.24 -10.07 -10.25
N ILE A 34 -33.21 -10.80 -9.70
CA ILE A 34 -33.03 -12.16 -9.14
C ILE A 34 -33.75 -13.17 -10.03
N ILE A 35 -33.08 -14.25 -10.44
CA ILE A 35 -33.65 -15.32 -11.29
C ILE A 35 -33.31 -16.66 -10.63
N LYS A 36 -34.31 -17.49 -10.37
CA LYS A 36 -34.07 -18.86 -9.88
C LYS A 36 -34.26 -19.83 -11.05
N PHE A 37 -33.50 -20.91 -11.09
CA PHE A 37 -33.68 -21.95 -12.13
C PHE A 37 -33.10 -23.22 -11.54
N ASP A 38 -33.86 -24.33 -11.53
CA ASP A 38 -33.43 -25.62 -10.93
C ASP A 38 -33.04 -25.27 -9.50
N LYS A 39 -31.87 -25.68 -9.01
CA LYS A 39 -31.50 -25.41 -7.60
C LYS A 39 -30.57 -24.20 -7.51
N ALA A 40 -30.54 -23.33 -8.53
CA ALA A 40 -29.61 -22.18 -8.60
C ALA A 40 -30.35 -20.85 -8.44
N ARG A 41 -29.62 -19.83 -8.00
CA ARG A 41 -30.10 -18.43 -7.97
C ARG A 41 -29.03 -17.52 -8.56
N PHE A 42 -29.45 -16.60 -9.42
CA PHE A 42 -28.62 -15.67 -10.19
C PHE A 42 -29.11 -14.27 -9.80
N THR A 43 -28.22 -13.41 -9.33
CA THR A 43 -28.53 -12.02 -9.01
C THR A 43 -27.69 -11.13 -9.91
N VAL A 44 -28.32 -10.38 -10.79
CA VAL A 44 -27.59 -9.45 -11.67
C VAL A 44 -27.37 -8.17 -10.88
N LEU A 45 -26.19 -8.01 -10.28
CA LEU A 45 -25.92 -6.86 -9.38
C LEU A 45 -25.59 -5.62 -10.21
N THR A 46 -24.74 -5.77 -11.22
CA THR A 46 -24.46 -4.75 -12.27
C THR A 46 -24.49 -5.51 -13.59
N GLU A 47 -24.35 -4.80 -14.70
CA GLU A 47 -24.31 -5.39 -16.05
C GLU A 47 -23.09 -6.33 -16.15
N HIS A 48 -22.16 -6.21 -15.18
CA HIS A 48 -20.84 -6.85 -15.23
C HIS A 48 -20.56 -7.67 -13.96
N LEU A 49 -21.55 -7.87 -13.09
CA LEU A 49 -21.35 -8.56 -11.80
C LEU A 49 -22.60 -9.39 -11.50
N ILE A 50 -22.43 -10.71 -11.53
CA ILE A 50 -23.55 -11.65 -11.29
C ILE A 50 -23.18 -12.60 -10.15
N ARG A 51 -24.02 -12.64 -9.12
CA ARG A 51 -23.93 -13.63 -8.03
C ARG A 51 -24.59 -14.93 -8.50
N ILE A 52 -23.91 -16.04 -8.22
CA ILE A 52 -24.33 -17.38 -8.68
C ILE A 52 -24.37 -18.26 -7.44
N GLU A 53 -25.54 -18.79 -7.11
CA GLU A 53 -25.73 -19.62 -5.90
C GLU A 53 -26.28 -20.99 -6.28
N TYR A 54 -25.91 -21.99 -5.48
CA TYR A 54 -26.57 -23.29 -5.44
C TYR A 54 -27.05 -23.55 -4.01
N SER A 55 -28.26 -24.10 -3.89
CA SER A 55 -28.84 -24.56 -2.62
C SER A 55 -29.52 -25.92 -2.84
N GLU A 56 -29.11 -26.92 -2.08
CA GLU A 56 -29.80 -28.24 -1.99
C GLU A 56 -31.16 -28.04 -1.30
N THR A 57 -31.25 -27.10 -0.35
CA THR A 57 -32.45 -26.98 0.52
C THR A 57 -33.50 -26.04 -0.10
N GLY A 58 -33.22 -25.39 -1.24
CA GLY A 58 -34.11 -24.37 -1.83
C GLY A 58 -34.12 -23.05 -1.06
N GLU A 59 -33.39 -22.95 0.04
CA GLU A 59 -33.18 -21.67 0.75
C GLU A 59 -31.83 -21.08 0.28
N PHE A 60 -31.81 -19.79 -0.06
CA PHE A 60 -30.62 -19.03 -0.53
C PHE A 60 -30.23 -18.00 0.55
N GLU A 61 -28.94 -17.64 0.60
CA GLU A 61 -28.36 -16.88 1.71
C GLU A 61 -28.51 -15.39 1.47
N GLU A 62 -29.17 -14.70 2.40
CA GLU A 62 -29.31 -13.22 2.40
C GLU A 62 -28.33 -12.57 3.37
N ARG A 63 -27.81 -13.29 4.35
CA ARG A 63 -26.94 -12.69 5.38
C ARG A 63 -25.60 -12.22 4.74
N MET A 64 -24.97 -11.24 5.36
CA MET A 64 -23.57 -10.88 5.04
C MET A 64 -22.68 -12.10 5.33
N THR A 65 -21.47 -12.13 4.74
CA THR A 65 -20.42 -13.16 4.97
C THR A 65 -19.15 -12.45 5.42
N GLN A 66 -18.10 -13.21 5.77
CA GLN A 66 -16.78 -12.61 6.05
C GLN A 66 -16.43 -11.65 4.90
N MET A 67 -16.70 -12.06 3.66
CA MET A 67 -16.27 -11.26 2.48
C MET A 67 -17.30 -10.18 2.17
N VAL A 68 -18.57 -10.54 2.13
CA VAL A 68 -19.61 -9.69 1.46
C VAL A 68 -20.42 -8.94 2.52
N GLN A 69 -20.48 -7.61 2.40
CA GLN A 69 -21.17 -6.74 3.38
C GLN A 69 -22.45 -6.13 2.79
N ASN A 70 -22.67 -6.17 1.49
CA ASN A 70 -23.77 -5.40 0.87
C ASN A 70 -24.12 -5.99 -0.48
N ARG A 71 -25.37 -6.42 -0.68
CA ARG A 71 -25.81 -6.90 -2.01
C ARG A 71 -26.86 -5.93 -2.58
N GLU A 72 -26.97 -4.72 -2.02
CA GLU A 72 -27.90 -3.64 -2.52
C GLU A 72 -27.23 -2.90 -3.66
N PHE A 73 -27.68 -3.14 -4.88
CA PHE A 73 -27.19 -2.46 -6.09
C PHE A 73 -28.41 -1.91 -6.85
N SER A 74 -28.23 -0.81 -7.55
CA SER A 74 -29.26 -0.17 -8.41
C SER A 74 -29.66 -1.15 -9.52
N GLU A 75 -30.88 -0.98 -10.02
CA GLU A 75 -31.49 -1.92 -11.00
C GLU A 75 -30.70 -1.79 -12.30
N VAL A 76 -30.54 -2.88 -13.03
CA VAL A 76 -29.89 -2.83 -14.36
C VAL A 76 -30.75 -3.63 -15.33
N ASN A 77 -30.54 -3.37 -16.60
CA ASN A 77 -31.18 -4.10 -17.70
C ASN A 77 -30.34 -5.30 -18.06
N PHE A 78 -31.01 -6.37 -18.44
CA PHE A 78 -30.39 -7.58 -19.02
C PHE A 78 -31.50 -8.36 -19.69
N ASP A 79 -31.16 -9.42 -20.40
CA ASP A 79 -32.09 -10.30 -21.14
C ASP A 79 -31.92 -11.74 -20.65
N ILE A 80 -33.01 -12.52 -20.72
CA ILE A 80 -33.02 -13.95 -20.33
C ILE A 80 -33.56 -14.74 -21.53
N ILE A 81 -32.96 -15.89 -21.80
CA ILE A 81 -33.58 -16.95 -22.63
C ILE A 81 -33.75 -18.16 -21.72
N GLU A 82 -34.98 -18.42 -21.27
CA GLU A 82 -35.32 -19.50 -20.32
C GLU A 82 -36.10 -20.54 -21.12
N LYS A 83 -35.63 -21.78 -21.10
CA LYS A 83 -36.26 -22.94 -21.77
C LYS A 83 -36.61 -23.96 -20.69
N GLU A 84 -37.10 -25.12 -21.10
CA GLU A 84 -37.43 -26.24 -20.18
C GLU A 84 -36.18 -26.56 -19.37
N GLU A 85 -35.04 -26.79 -20.04
CA GLU A 85 -33.86 -27.49 -19.47
C GLU A 85 -32.65 -26.53 -19.29
N THR A 86 -32.74 -25.30 -19.81
CA THR A 86 -31.56 -24.38 -19.84
C THR A 86 -31.99 -22.94 -19.59
N ILE A 87 -31.05 -22.13 -19.13
CA ILE A 87 -31.26 -20.67 -18.96
C ILE A 87 -29.97 -19.97 -19.39
N GLU A 88 -30.13 -18.81 -20.02
CA GLU A 88 -29.04 -17.94 -20.50
C GLU A 88 -29.34 -16.55 -19.98
N ILE A 89 -28.42 -15.95 -19.24
CA ILE A 89 -28.53 -14.53 -18.82
C ILE A 89 -27.59 -13.72 -19.71
N ILE A 90 -28.09 -12.62 -20.27
CA ILE A 90 -27.34 -11.78 -21.24
C ILE A 90 -27.25 -10.35 -20.71
N THR A 91 -26.03 -9.87 -20.48
CA THR A 91 -25.78 -8.44 -20.13
C THR A 91 -25.01 -7.82 -21.28
N SER A 92 -24.68 -6.54 -21.15
CA SER A 92 -23.81 -5.83 -22.13
C SER A 92 -22.46 -6.56 -22.31
N THR A 93 -21.98 -7.34 -21.31
CA THR A 93 -20.59 -7.88 -21.38
C THR A 93 -20.51 -9.41 -21.26
N VAL A 94 -21.58 -10.12 -20.89
CA VAL A 94 -21.48 -11.58 -20.65
C VAL A 94 -22.76 -12.33 -20.99
N HIS A 95 -22.57 -13.56 -21.49
CA HIS A 95 -23.59 -14.61 -21.60
C HIS A 95 -23.27 -15.63 -20.52
N LEU A 96 -24.12 -15.75 -19.51
CA LEU A 96 -24.01 -16.80 -18.47
C LEU A 96 -25.00 -17.91 -18.79
N TYR A 97 -24.49 -19.14 -18.88
CA TYR A 97 -25.32 -20.33 -19.21
C TYR A 97 -25.37 -21.30 -18.02
N TYR A 98 -26.56 -21.84 -17.78
CA TYR A 98 -26.78 -22.93 -16.80
C TYR A 98 -27.74 -23.92 -17.45
N ASN A 99 -27.29 -25.17 -17.54
CA ASN A 99 -27.98 -26.29 -18.26
C ASN A 99 -28.65 -27.22 -17.23
N GLY A 100 -28.77 -26.76 -15.97
CA GLY A 100 -29.43 -27.48 -14.87
C GLY A 100 -28.54 -28.54 -14.24
N GLY A 101 -29.02 -29.12 -13.12
CA GLY A 101 -28.30 -30.11 -12.32
C GLY A 101 -27.26 -29.46 -11.43
N GLU A 102 -26.40 -30.28 -10.87
CA GLU A 102 -25.26 -29.82 -10.06
C GLU A 102 -24.34 -28.96 -10.94
N PHE A 103 -23.77 -27.94 -10.34
CA PHE A 103 -22.76 -27.06 -11.00
C PHE A 103 -21.53 -27.92 -11.34
N THR A 104 -21.21 -28.02 -12.63
CA THR A 104 -19.98 -28.66 -13.13
C THR A 104 -19.41 -27.73 -14.21
N ASN A 105 -18.24 -28.10 -14.70
CA ASN A 105 -17.59 -27.34 -15.79
C ASN A 105 -18.43 -27.45 -17.06
N ALA A 106 -19.32 -28.43 -17.16
CA ALA A 106 -20.19 -28.62 -18.35
C ALA A 106 -21.54 -27.89 -18.17
N SER A 107 -22.03 -27.79 -16.93
CA SER A 107 -23.42 -27.31 -16.62
C SER A 107 -23.47 -25.78 -16.45
N LEU A 108 -22.35 -25.17 -16.04
CA LEU A 108 -22.32 -23.74 -15.66
C LEU A 108 -21.07 -23.09 -16.26
N PHE A 109 -21.28 -22.14 -17.16
CA PHE A 109 -20.17 -21.54 -17.94
C PHE A 109 -20.65 -20.21 -18.54
N ALA A 110 -19.72 -19.38 -19.01
CA ALA A 110 -20.02 -18.02 -19.48
C ALA A 110 -19.07 -17.63 -20.61
N ASP A 111 -19.59 -16.97 -21.64
CA ASP A 111 -18.82 -16.34 -22.73
C ASP A 111 -18.84 -14.82 -22.55
N VAL A 112 -17.68 -14.20 -22.51
CA VAL A 112 -17.66 -12.71 -22.46
C VAL A 112 -17.87 -12.16 -23.86
N LYS A 113 -18.46 -10.96 -23.91
CA LYS A 113 -18.69 -10.20 -25.17
C LYS A 113 -17.53 -9.24 -25.40
N PHE A 114 -16.33 -9.79 -25.43
CA PHE A 114 -15.08 -9.07 -25.68
C PHE A 114 -14.22 -9.93 -26.59
N ASN A 115 -13.20 -9.35 -27.21
CA ASN A 115 -12.27 -10.10 -28.07
C ASN A 115 -10.83 -9.86 -27.59
N PHE A 116 -10.59 -9.80 -26.27
CA PHE A 116 -9.22 -9.59 -25.73
C PHE A 116 -8.33 -10.81 -26.02
N SER A 117 -8.93 -11.97 -26.23
CA SER A 117 -8.16 -13.20 -26.54
C SER A 117 -8.83 -13.89 -27.70
N VAL A 118 -8.16 -14.86 -28.31
CA VAL A 118 -8.80 -15.64 -29.42
C VAL A 118 -9.68 -16.74 -28.83
N TYR A 119 -9.29 -17.44 -27.76
CA TYR A 119 -10.14 -18.54 -27.24
C TYR A 119 -9.99 -18.73 -25.73
N SER A 120 -9.82 -17.63 -25.01
CA SER A 120 -9.79 -17.57 -23.53
C SER A 120 -10.91 -16.64 -23.04
N ASN A 121 -12.03 -16.63 -23.78
CA ASN A 121 -13.19 -15.75 -23.51
C ASN A 121 -14.29 -16.55 -22.82
N ARG A 122 -14.02 -17.79 -22.36
CA ARG A 122 -15.05 -18.59 -21.71
C ARG A 122 -14.63 -18.98 -20.29
N TRP A 123 -15.49 -18.73 -19.33
CA TRP A 123 -15.41 -19.25 -17.95
C TRP A 123 -16.11 -20.59 -17.86
N TYR A 124 -15.47 -21.58 -17.23
CA TYR A 124 -16.09 -22.89 -16.89
C TYR A 124 -16.05 -23.03 -15.38
N PHE A 125 -17.18 -23.32 -14.76
CA PHE A 125 -17.26 -23.50 -13.29
C PHE A 125 -16.13 -24.44 -12.85
N GLY A 126 -15.41 -24.06 -11.80
CA GLY A 126 -14.38 -24.91 -11.16
C GLY A 126 -13.08 -24.99 -11.92
N GLU A 127 -12.88 -24.24 -13.02
CA GLU A 127 -11.66 -24.29 -13.86
C GLU A 127 -11.00 -22.91 -13.80
N LYS A 128 -9.69 -22.86 -14.04
CA LYS A 128 -8.93 -21.59 -14.15
C LYS A 128 -8.83 -21.24 -15.62
N SER A 129 -8.92 -19.96 -15.93
CA SER A 129 -8.57 -19.46 -17.30
C SER A 129 -7.34 -18.57 -17.20
N ASP A 130 -6.68 -18.33 -18.33
CA ASP A 130 -5.53 -17.40 -18.45
C ASP A 130 -6.03 -15.98 -18.27
N GLY A 131 -5.14 -15.09 -17.85
CA GLY A 131 -5.33 -13.64 -17.95
C GLY A 131 -5.38 -12.95 -16.60
N ASN A 132 -5.56 -13.69 -15.51
CA ASN A 132 -5.71 -13.08 -14.18
C ASN A 132 -4.44 -12.28 -13.88
N LEU A 133 -4.59 -11.04 -13.46
CA LEU A 133 -3.47 -10.11 -13.17
C LEU A 133 -3.00 -10.23 -11.72
N LYS A 134 -3.58 -11.17 -10.96
CA LYS A 134 -3.21 -11.58 -9.59
C LYS A 134 -3.65 -10.54 -8.57
N GLY A 135 -3.50 -10.85 -7.27
CA GLY A 135 -3.93 -10.02 -6.14
C GLY A 135 -2.84 -9.94 -5.09
N THR A 136 -3.00 -10.67 -3.99
CA THR A 136 -2.02 -10.61 -2.90
C THR A 136 -2.00 -11.96 -2.18
N THR A 137 -1.31 -11.99 -1.06
CA THR A 137 -1.16 -13.20 -0.25
C THR A 137 -1.05 -12.75 1.21
N ARG A 138 -1.19 -13.68 2.13
CA ARG A 138 -1.20 -13.42 3.59
C ARG A 138 0.04 -12.59 4.01
N THR A 139 1.24 -12.96 3.53
CA THR A 139 2.48 -12.49 4.17
C THR A 139 3.71 -12.70 3.27
N LEU A 140 4.76 -11.93 3.55
CA LEU A 140 6.08 -12.11 2.97
C LEU A 140 6.99 -12.73 4.03
N ASP A 141 6.45 -13.24 5.12
CA ASP A 141 7.28 -13.94 6.13
C ASP A 141 8.20 -14.98 5.43
N MET A 142 9.50 -14.87 5.66
CA MET A 142 10.52 -15.88 5.24
C MET A 142 10.69 -15.84 3.72
N ILE A 143 10.15 -14.85 3.04
CA ILE A 143 10.25 -14.79 1.54
C ILE A 143 11.46 -13.95 1.13
N ASP A 144 12.32 -14.58 0.35
CA ASP A 144 13.52 -13.96 -0.27
C ASP A 144 13.18 -13.76 -1.74
N GLY A 145 12.73 -12.57 -2.10
CA GLY A 145 12.31 -12.23 -3.47
C GLY A 145 10.85 -12.57 -3.68
N GLU A 146 10.58 -13.30 -4.76
CA GLU A 146 9.21 -13.51 -5.26
C GLU A 146 8.51 -14.61 -4.49
N CYS A 147 7.21 -14.50 -4.32
CA CYS A 147 6.36 -15.66 -3.95
C CYS A 147 5.08 -15.67 -4.78
N PRO A 148 4.39 -16.82 -4.86
CA PRO A 148 3.12 -16.88 -5.58
C PRO A 148 2.06 -16.00 -4.90
N LEU A 149 1.24 -15.37 -5.72
CA LEU A 149 0.08 -14.59 -5.26
C LEU A 149 -1.24 -15.30 -5.60
N GLU A 150 -2.27 -14.98 -4.83
CA GLU A 150 -3.64 -15.45 -5.17
C GLU A 150 -4.16 -14.61 -6.33
N ASP A 151 -5.16 -15.12 -7.01
CA ASP A 151 -5.88 -14.34 -8.06
C ASP A 151 -6.54 -13.14 -7.42
N GLY A 152 -6.72 -12.10 -8.22
CA GLY A 152 -7.58 -10.96 -7.90
C GLY A 152 -8.82 -10.98 -8.80
N ILE A 153 -9.50 -9.84 -8.89
CA ILE A 153 -10.75 -9.73 -9.69
C ILE A 153 -10.42 -9.14 -11.04
N MET A 154 -9.14 -8.82 -11.33
CA MET A 154 -8.75 -8.20 -12.60
C MET A 154 -8.18 -9.26 -13.57
N SER A 155 -8.60 -9.24 -14.84
CA SER A 155 -8.06 -10.14 -15.89
C SER A 155 -7.89 -9.36 -17.18
N LYS A 156 -6.80 -9.60 -17.89
CA LYS A 156 -6.55 -9.04 -19.22
C LYS A 156 -7.61 -9.55 -20.19
N ASN A 157 -8.22 -10.71 -19.92
CA ASN A 157 -9.25 -11.28 -20.82
C ASN A 157 -10.65 -10.81 -20.43
N GLY A 158 -10.80 -10.07 -19.34
CA GLY A 158 -12.03 -9.31 -19.01
C GLY A 158 -12.98 -9.98 -18.03
N PHE A 159 -12.66 -11.15 -17.43
CA PHE A 159 -13.52 -11.78 -16.43
C PHE A 159 -12.72 -12.48 -15.35
N ALA A 160 -13.34 -12.56 -14.20
CA ALA A 160 -12.79 -13.22 -13.00
C ALA A 160 -13.96 -13.75 -12.17
N VAL A 161 -13.78 -14.88 -11.50
CA VAL A 161 -14.78 -15.36 -10.54
C VAL A 161 -14.17 -15.35 -9.14
N LEU A 162 -14.90 -14.75 -8.23
CA LEU A 162 -14.53 -14.61 -6.81
C LEU A 162 -15.49 -15.49 -6.01
N ALA A 163 -15.02 -16.63 -5.52
CA ALA A 163 -15.80 -17.61 -4.73
C ALA A 163 -15.94 -17.06 -3.31
N ASP A 164 -17.16 -17.08 -2.77
CA ASP A 164 -17.41 -16.73 -1.36
C ASP A 164 -17.47 -18.05 -0.58
N LYS A 165 -16.38 -18.39 0.11
CA LYS A 165 -16.29 -19.68 0.83
C LYS A 165 -16.37 -19.41 2.32
N GLY A 166 -16.68 -18.19 2.72
CA GLY A 166 -16.68 -17.80 4.13
C GLY A 166 -17.95 -18.18 4.85
N LYS A 167 -17.91 -18.03 6.17
CA LYS A 167 -19.06 -18.16 7.07
C LYS A 167 -19.98 -16.95 6.94
N VAL A 168 -21.25 -17.11 7.32
CA VAL A 168 -22.20 -15.97 7.46
C VAL A 168 -21.93 -15.22 8.74
N LEU A 169 -22.20 -13.92 8.71
CA LEU A 169 -22.20 -13.03 9.89
C LEU A 169 -23.64 -12.84 10.40
N THR A 170 -23.76 -12.42 11.66
CA THR A 170 -25.00 -11.83 12.24
C THR A 170 -25.03 -10.35 11.85
N GLU A 171 -26.15 -9.67 12.12
CA GLU A 171 -26.33 -8.23 11.82
C GLU A 171 -25.23 -7.41 12.51
N VAL A 172 -24.81 -7.79 13.72
CA VAL A 172 -23.81 -7.05 14.54
C VAL A 172 -22.38 -7.49 14.16
N GLY A 173 -22.23 -8.56 13.39
CA GLY A 173 -20.95 -8.96 12.77
C GLY A 173 -20.23 -10.08 13.52
N ASP A 174 -20.94 -10.95 14.23
CA ASP A 174 -20.37 -12.21 14.77
C ASP A 174 -20.58 -13.32 13.74
N ILE A 175 -19.76 -14.37 13.81
CA ILE A 175 -19.83 -15.56 12.93
C ILE A 175 -21.12 -16.29 13.31
N ALA A 176 -21.93 -16.68 12.32
CA ALA A 176 -23.25 -17.32 12.50
C ALA A 176 -23.22 -18.78 12.03
N GLY A 177 -22.18 -19.18 11.29
CA GLY A 177 -21.98 -20.57 10.86
C GLY A 177 -22.01 -20.66 9.34
N ASN A 178 -22.44 -21.79 8.80
CA ASN A 178 -22.42 -22.09 7.35
C ASN A 178 -23.53 -21.30 6.64
N SER A 179 -23.22 -20.82 5.44
CA SER A 179 -24.21 -20.28 4.48
C SER A 179 -25.17 -21.40 4.06
N VAL A 180 -26.41 -21.05 3.76
CA VAL A 180 -27.37 -21.99 3.09
C VAL A 180 -27.13 -22.01 1.58
N SER A 181 -26.42 -21.01 1.03
CA SER A 181 -25.91 -21.09 -0.36
C SER A 181 -24.59 -21.87 -0.35
N THR A 182 -24.64 -23.18 -0.53
CA THR A 182 -23.46 -24.06 -0.36
C THR A 182 -22.45 -23.81 -1.49
N ILE A 183 -22.88 -23.24 -2.60
CA ILE A 183 -21.97 -22.57 -3.58
C ILE A 183 -22.45 -21.14 -3.73
N ASP A 184 -21.52 -20.19 -3.65
CA ASP A 184 -21.83 -18.74 -3.71
C ASP A 184 -20.63 -18.09 -4.39
N LEU A 185 -20.81 -17.65 -5.64
CA LEU A 185 -19.76 -17.13 -6.56
C LEU A 185 -20.15 -15.74 -7.03
N TYR A 186 -19.16 -14.89 -7.37
CA TYR A 186 -19.35 -13.58 -8.02
C TYR A 186 -18.58 -13.60 -9.32
N LEU A 187 -19.32 -13.55 -10.44
CA LEU A 187 -18.71 -13.47 -11.79
C LEU A 187 -18.53 -12.00 -12.11
N PHE A 188 -17.27 -11.56 -12.22
CA PHE A 188 -16.89 -10.21 -12.67
C PHE A 188 -16.60 -10.30 -14.16
N ALA A 189 -17.29 -9.49 -14.95
CA ALA A 189 -17.14 -9.39 -16.40
C ALA A 189 -17.05 -7.93 -16.80
N TYR A 190 -16.10 -7.21 -16.20
CA TYR A 190 -15.84 -5.76 -16.42
C TYR A 190 -14.92 -5.48 -17.61
N GLY A 191 -14.44 -6.50 -18.33
CA GLY A 191 -13.48 -6.31 -19.43
C GLY A 191 -12.17 -5.75 -18.87
N ARG A 192 -11.69 -4.60 -19.35
CA ARG A 192 -10.47 -3.94 -18.81
C ARG A 192 -10.85 -2.61 -18.15
N ASP A 193 -12.09 -2.51 -17.68
CA ASP A 193 -12.50 -1.35 -16.86
C ASP A 193 -12.18 -1.70 -15.41
N TYR A 194 -10.88 -1.72 -15.09
CA TYR A 194 -10.40 -2.25 -13.80
C TYR A 194 -10.90 -1.37 -12.67
N ARG A 195 -10.84 -0.05 -12.83
CA ARG A 195 -11.24 0.86 -11.75
C ARG A 195 -12.70 0.61 -11.38
N GLN A 196 -13.60 0.39 -12.36
CA GLN A 196 -15.04 0.17 -12.04
C GLN A 196 -15.22 -1.16 -11.34
N ALA A 197 -14.49 -2.19 -11.77
CA ALA A 197 -14.53 -3.51 -11.10
C ALA A 197 -14.18 -3.33 -9.62
N LEU A 198 -13.11 -2.59 -9.33
CA LEU A 198 -12.67 -2.39 -7.94
C LEU A 198 -13.73 -1.58 -7.16
N LYS A 199 -14.27 -0.53 -7.76
CA LYS A 199 -15.32 0.27 -7.08
C LYS A 199 -16.50 -0.64 -6.69
N ASP A 200 -16.91 -1.51 -7.59
CA ASP A 200 -18.11 -2.37 -7.36
C ASP A 200 -17.75 -3.48 -6.39
N PHE A 201 -16.50 -3.94 -6.42
CA PHE A 201 -15.96 -4.86 -5.38
C PHE A 201 -16.13 -4.22 -4.01
N TYR A 202 -15.79 -2.93 -3.87
CA TYR A 202 -15.86 -2.19 -2.59
C TYR A 202 -17.35 -1.99 -2.22
N GLN A 203 -18.21 -1.82 -3.22
CA GLN A 203 -19.67 -1.75 -2.91
C GLN A 203 -20.14 -3.09 -2.36
N LEU A 204 -19.64 -4.22 -2.90
CA LEU A 204 -20.04 -5.58 -2.45
C LEU A 204 -19.41 -5.89 -1.08
N THR A 205 -18.13 -5.57 -0.89
CA THR A 205 -17.36 -6.06 0.28
C THR A 205 -17.24 -4.98 1.34
N GLY A 206 -17.70 -3.77 1.06
CA GLY A 206 -17.60 -2.62 1.97
C GLY A 206 -16.39 -1.79 1.60
N ASN A 207 -16.50 -0.47 1.69
CA ASN A 207 -15.35 0.41 1.35
C ASN A 207 -14.23 0.25 2.37
N THR A 208 -13.01 0.59 1.97
CA THR A 208 -11.92 0.77 2.94
C THR A 208 -12.29 1.90 3.87
N PRO A 209 -12.11 1.77 5.19
CA PRO A 209 -12.31 2.92 6.07
C PRO A 209 -11.25 3.97 5.85
N LYS A 210 -11.53 5.21 6.30
CA LYS A 210 -10.53 6.31 6.30
C LYS A 210 -9.44 5.91 7.28
N LEU A 211 -8.19 6.13 6.91
CA LEU A 211 -7.09 6.12 7.89
C LEU A 211 -7.03 7.46 8.63
N PRO A 212 -6.45 7.43 9.84
CA PRO A 212 -6.06 8.64 10.54
C PRO A 212 -4.78 9.20 9.90
N ARG A 213 -4.64 10.52 9.92
CA ARG A 213 -3.48 11.21 9.33
C ARG A 213 -2.17 10.65 9.92
N PHE A 214 -2.12 10.29 11.22
CA PHE A 214 -0.85 9.88 11.85
C PHE A 214 -0.27 8.63 11.15
N ALA A 215 -1.11 7.77 10.58
CA ALA A 215 -0.67 6.50 9.94
C ALA A 215 0.23 6.77 8.73
N LEU A 216 0.19 7.99 8.15
CA LEU A 216 0.83 8.29 6.85
C LEU A 216 2.22 8.86 7.02
N GLY A 217 2.64 9.11 8.26
CA GLY A 217 3.98 9.61 8.58
C GLY A 217 4.95 8.44 8.74
N ASN A 218 6.18 8.75 9.11
CA ASN A 218 7.24 7.72 9.29
C ASN A 218 6.97 6.97 10.58
N TRP A 219 7.14 5.65 10.57
CA TRP A 219 7.06 4.85 11.82
C TRP A 219 8.47 4.37 12.16
N TRP A 220 8.82 4.43 13.45
CA TRP A 220 10.04 3.74 13.92
C TRP A 220 9.68 2.40 14.55
N SER A 221 10.39 1.35 14.17
CA SER A 221 10.23 0.02 14.78
C SER A 221 11.59 -0.69 14.75
N ARG A 222 11.86 -1.48 15.78
CA ARG A 222 13.05 -2.36 15.79
C ARG A 222 12.82 -3.45 16.83
N TYR A 223 13.05 -4.71 16.46
CA TYR A 223 13.06 -5.89 17.35
C TYR A 223 14.34 -5.80 18.16
N TYR A 224 14.27 -5.03 19.26
CA TYR A 224 15.44 -4.63 20.08
C TYR A 224 14.93 -4.31 21.50
N ASP A 225 15.71 -4.68 22.52
CA ASP A 225 15.26 -4.66 23.94
C ASP A 225 15.57 -3.27 24.51
N TYR A 226 14.99 -2.24 23.94
CA TYR A 226 15.09 -0.85 24.47
C TYR A 226 14.60 -0.80 25.92
N SER A 227 15.15 0.17 26.66
CA SER A 227 14.52 0.63 27.93
C SER A 227 13.65 1.83 27.59
N ASP A 228 12.84 2.28 28.56
CA ASP A 228 12.13 3.59 28.44
C ASP A 228 13.17 4.65 28.10
N LYS A 229 14.32 4.68 28.79
CA LYS A 229 15.33 5.76 28.63
C LYS A 229 15.92 5.72 27.22
N SER A 230 16.35 4.54 26.75
CA SER A 230 17.08 4.46 25.46
C SER A 230 16.08 4.69 24.31
N TYR A 231 14.83 4.25 24.46
CA TYR A 231 13.76 4.52 23.46
C TYR A 231 13.53 6.03 23.39
N LEU A 232 13.35 6.74 24.51
CA LEU A 232 13.14 8.23 24.45
C LEU A 232 14.37 8.93 23.90
N ALA A 233 15.57 8.50 24.29
CA ALA A 233 16.86 9.02 23.78
C ALA A 233 16.88 8.89 22.24
N LEU A 234 16.43 7.75 21.72
CA LEU A 234 16.41 7.56 20.25
C LEU A 234 15.39 8.51 19.64
N MET A 235 14.19 8.63 20.22
CA MET A 235 13.15 9.54 19.66
C MET A 235 13.72 10.96 19.63
N ASP A 236 14.49 11.36 20.65
CA ASP A 236 15.03 12.73 20.75
C ASP A 236 16.18 12.86 19.75
N LYS A 237 16.89 11.76 19.47
CA LYS A 237 17.95 11.79 18.43
C LYS A 237 17.31 12.01 17.05
N PHE A 238 16.17 11.37 16.76
CA PHE A 238 15.42 11.60 15.49
C PHE A 238 15.14 13.10 15.34
N THR A 239 14.62 13.71 16.40
CA THR A 239 14.33 15.18 16.40
C THR A 239 15.61 15.98 16.12
N ASP A 240 16.68 15.70 16.85
CA ASP A 240 17.99 16.37 16.68
C ASP A 240 18.46 16.23 15.21
N LYS A 241 18.22 15.06 14.61
CA LYS A 241 18.70 14.71 13.25
C LYS A 241 17.75 15.21 12.18
N LYS A 242 16.65 15.88 12.56
CA LYS A 242 15.69 16.46 11.60
C LYS A 242 14.94 15.33 10.85
N VAL A 243 14.67 14.23 11.53
CA VAL A 243 13.83 13.15 10.96
C VAL A 243 12.49 13.16 11.68
N PRO A 244 11.39 13.49 10.98
CA PRO A 244 10.05 13.42 11.56
C PRO A 244 9.53 11.99 11.69
N LEU A 245 8.84 11.71 12.79
CA LEU A 245 8.14 10.43 13.06
C LEU A 245 6.69 10.73 13.48
N SER A 246 5.76 9.86 13.09
CA SER A 246 4.34 9.87 13.56
C SER A 246 4.09 8.75 14.54
N VAL A 247 4.79 7.60 14.41
CA VAL A 247 4.45 6.38 15.19
C VAL A 247 5.74 5.83 15.83
N SER A 248 5.62 5.46 17.09
CA SER A 248 6.60 4.75 17.94
C SER A 248 6.06 3.35 18.15
N VAL A 249 6.63 2.38 17.46
CA VAL A 249 6.35 0.97 17.67
C VAL A 249 7.28 0.49 18.78
N ILE A 250 6.72 -0.28 19.71
CA ILE A 250 7.49 -1.05 20.71
C ILE A 250 7.28 -2.54 20.42
N ASP A 251 8.37 -3.22 20.05
CA ASP A 251 8.30 -4.67 19.75
C ASP A 251 8.36 -5.50 21.03
N MET A 252 8.27 -6.81 20.86
CA MET A 252 7.92 -7.83 21.88
C MET A 252 8.78 -7.74 23.16
N ASP A 253 9.97 -7.14 23.15
CA ASP A 253 10.81 -7.04 24.38
C ASP A 253 10.20 -6.02 25.35
N TRP A 254 9.08 -5.39 24.99
CA TRP A 254 8.25 -4.60 25.95
C TRP A 254 7.80 -5.48 27.12
N HIS A 255 7.50 -6.76 26.84
CA HIS A 255 6.93 -7.70 27.82
C HIS A 255 8.02 -8.65 28.29
N LYS A 256 7.71 -9.43 29.32
CA LYS A 256 8.64 -10.46 29.82
C LYS A 256 8.99 -11.40 28.67
N VAL A 257 10.28 -11.74 28.54
CA VAL A 257 10.68 -12.79 27.55
C VAL A 257 11.53 -13.83 28.27
N SER A 258 12.81 -13.58 28.54
CA SER A 258 13.70 -14.57 29.20
C SER A 258 13.21 -14.83 30.64
N GLU A 259 12.47 -13.90 31.22
CA GLU A 259 11.96 -14.02 32.63
C GLU A 259 10.77 -15.00 32.75
N VAL A 260 10.27 -15.55 31.65
CA VAL A 260 9.14 -16.51 31.69
C VAL A 260 9.66 -17.89 32.04
N PRO A 261 9.18 -18.50 33.14
CA PRO A 261 9.63 -19.86 33.50
C PRO A 261 9.31 -20.79 32.33
N SER A 262 10.23 -21.67 32.03
CA SER A 262 10.15 -22.58 30.85
C SER A 262 8.95 -23.53 30.98
N ARG A 263 8.46 -23.83 32.20
CA ARG A 263 7.28 -24.74 32.36
CA ARG A 263 7.26 -24.70 32.42
C ARG A 263 6.05 -24.14 31.70
N PHE A 264 6.03 -22.82 31.44
CA PHE A 264 4.91 -22.11 30.76
C PHE A 264 5.05 -22.12 29.23
N GLY A 265 6.17 -22.62 28.70
CA GLY A 265 6.54 -22.47 27.28
C GLY A 265 7.40 -21.25 27.09
N SER A 266 7.33 -20.59 25.92
CA SER A 266 8.24 -19.49 25.58
C SER A 266 7.70 -18.15 26.09
N GLY A 267 8.47 -17.11 25.85
CA GLY A 267 8.14 -15.72 26.14
C GLY A 267 7.66 -14.99 24.90
N TRP A 268 7.32 -15.73 23.85
CA TRP A 268 6.90 -15.10 22.56
C TRP A 268 5.61 -14.27 22.76
N THR A 269 4.57 -14.90 23.29
CA THR A 269 3.34 -14.24 23.78
C THR A 269 3.65 -13.55 25.11
N GLY A 270 3.23 -12.31 25.26
CA GLY A 270 3.34 -11.66 26.60
C GLY A 270 2.40 -10.50 26.73
N TYR A 271 1.88 -10.27 27.95
CA TYR A 271 0.99 -9.14 28.24
C TYR A 271 1.46 -8.39 29.50
N SER A 272 2.65 -8.71 30.01
CA SER A 272 3.24 -8.12 31.25
C SER A 272 4.51 -7.34 30.92
N TRP A 273 4.55 -6.05 31.24
CA TRP A 273 5.75 -5.21 31.07
C TRP A 273 6.95 -5.86 31.73
N ASN A 274 8.10 -5.81 31.06
CA ASN A 274 9.40 -6.06 31.69
C ASN A 274 9.70 -4.80 32.51
N LYS A 275 9.71 -4.92 33.84
CA LYS A 275 9.73 -3.75 34.78
C LYS A 275 11.16 -3.20 34.87
N LYS A 276 12.17 -4.00 34.51
CA LYS A 276 13.58 -3.51 34.42
C LYS A 276 13.63 -2.46 33.30
N LEU A 277 13.06 -2.76 32.13
CA LEU A 277 13.14 -1.87 30.95
C LEU A 277 12.11 -0.74 31.06
N PHE A 278 10.92 -1.01 31.60
CA PHE A 278 9.76 -0.08 31.64
C PHE A 278 9.20 -0.08 33.06
N PRO A 279 9.91 0.55 34.01
CA PRO A 279 9.44 0.61 35.41
C PRO A 279 8.13 1.40 35.61
N ASN A 280 7.85 2.39 34.75
CA ASN A 280 6.59 3.17 34.78
C ASN A 280 6.05 3.30 33.35
N PRO A 281 5.33 2.30 32.85
CA PRO A 281 4.84 2.34 31.45
C PRO A 281 3.99 3.56 31.09
N GLU A 282 3.06 3.96 31.96
CA GLU A 282 2.16 5.08 31.63
C GLU A 282 2.99 6.35 31.44
N ASN A 283 3.96 6.58 32.32
CA ASN A 283 4.85 7.74 32.23
C ASN A 283 5.65 7.71 30.89
N PHE A 284 6.16 6.55 30.51
CA PHE A 284 6.92 6.40 29.24
C PHE A 284 5.99 6.72 28.06
N ILE A 285 4.80 6.15 28.04
CA ILE A 285 3.82 6.44 26.94
C ILE A 285 3.43 7.93 27.01
N ASP A 286 3.30 8.49 28.22
CA ASP A 286 3.03 9.95 28.35
C ASP A 286 4.15 10.72 27.62
N GLU A 287 5.41 10.33 27.78
CA GLU A 287 6.57 11.01 27.16
C GLU A 287 6.48 10.90 25.62
N LEU A 288 6.07 9.75 25.11
CA LEU A 288 5.91 9.62 23.63
C LEU A 288 4.73 10.50 23.19
N HIS A 289 3.66 10.54 23.97
CA HIS A 289 2.49 11.37 23.62
C HIS A 289 2.90 12.85 23.60
N GLN A 290 3.75 13.29 24.53
CA GLN A 290 4.22 14.72 24.61
C GLN A 290 5.00 15.03 23.35
N ARG A 291 5.72 14.05 22.80
CA ARG A 291 6.48 14.20 21.54
C ARG A 291 5.56 14.02 20.32
N LYS A 292 4.25 13.90 20.51
CA LYS A 292 3.25 13.82 19.40
C LYS A 292 3.50 12.53 18.61
N LEU A 293 3.72 11.43 19.31
CA LEU A 293 3.82 10.07 18.72
C LEU A 293 2.60 9.27 19.14
N LYS A 294 2.11 8.43 18.22
CA LYS A 294 1.14 7.36 18.52
C LYS A 294 1.97 6.12 18.83
N VAL A 295 1.47 5.30 19.73
CA VAL A 295 2.21 4.17 20.36
C VAL A 295 1.48 2.88 20.07
N THR A 296 2.21 1.88 19.58
CA THR A 296 1.64 0.53 19.39
C THR A 296 2.59 -0.48 20.00
N LEU A 297 2.03 -1.56 20.52
CA LEU A 297 2.83 -2.68 21.05
C LEU A 297 2.62 -3.90 20.17
N ASN A 298 3.69 -4.68 20.01
CA ASN A 298 3.62 -6.05 19.45
C ASN A 298 2.78 -6.97 20.34
N ASP A 299 1.83 -7.64 19.73
CA ASP A 299 1.05 -8.72 20.34
C ASP A 299 1.16 -10.00 19.53
N HIS A 300 1.81 -10.98 20.13
CA HIS A 300 1.85 -12.37 19.71
C HIS A 300 0.76 -13.11 20.48
N PRO A 301 -0.47 -13.25 19.93
CA PRO A 301 -1.58 -13.74 20.75
C PRO A 301 -1.62 -15.24 21.03
N ALA A 302 -0.81 -16.07 20.35
CA ALA A 302 -1.14 -17.51 20.18
C ALA A 302 -1.05 -18.35 21.45
N ASP A 303 -0.25 -17.96 22.45
CA ASP A 303 -0.17 -18.73 23.72
C ASP A 303 -1.12 -18.17 24.80
N GLY A 304 -2.00 -17.25 24.43
CA GLY A 304 -3.07 -16.75 25.32
C GLY A 304 -2.52 -16.15 26.60
N ILE A 305 -3.28 -16.32 27.69
CA ILE A 305 -2.93 -15.67 28.99
C ILE A 305 -2.62 -16.77 30.00
N ARG A 306 -1.34 -16.92 30.26
CA ARG A 306 -0.86 -18.03 31.10
C ARG A 306 -0.69 -17.50 32.53
N ALA A 307 -0.46 -18.39 33.47
CA ALA A 307 -0.66 -18.09 34.92
C ALA A 307 0.38 -17.08 35.44
N PHE A 308 1.52 -16.88 34.77
CA PHE A 308 2.57 -15.92 35.22
C PHE A 308 2.17 -14.49 34.85
N GLU A 309 1.19 -14.27 33.97
CA GLU A 309 0.91 -12.92 33.43
C GLU A 309 0.27 -12.04 34.51
N ASP A 310 0.55 -10.75 34.45
CA ASP A 310 -0.07 -9.72 35.32
C ASP A 310 -1.59 -9.77 35.21
N PRO A 311 -2.25 -9.71 34.02
CA PRO A 311 -3.71 -9.85 33.96
C PRO A 311 -4.30 -11.22 34.27
N TYR A 312 -3.50 -12.26 34.54
CA TYR A 312 -4.04 -13.63 34.64
C TYR A 312 -5.07 -13.74 35.79
N PRO A 313 -4.82 -13.20 37.02
CA PRO A 313 -5.83 -13.34 38.10
C PRO A 313 -7.23 -12.87 37.65
N GLN A 314 -7.33 -11.73 36.99
CA GLN A 314 -8.63 -11.18 36.50
C GLN A 314 -9.22 -12.10 35.43
N VAL A 315 -8.43 -12.46 34.41
CA VAL A 315 -8.89 -13.35 33.31
C VAL A 315 -9.35 -14.68 33.89
N ALA A 316 -8.62 -15.27 34.84
CA ALA A 316 -8.95 -16.57 35.47
C ALA A 316 -10.33 -16.48 36.16
N GLN A 317 -10.59 -15.36 36.84
CA GLN A 317 -11.86 -15.11 37.57
C GLN A 317 -12.98 -15.04 36.51
N THR A 318 -12.82 -14.22 35.47
CA THR A 318 -13.82 -14.04 34.40
C THR A 318 -14.10 -15.37 33.68
N LEU A 319 -13.10 -16.19 33.43
CA LEU A 319 -13.27 -17.40 32.59
C LEU A 319 -13.36 -18.67 33.45
N ASP A 320 -13.42 -18.53 34.78
CA ASP A 320 -13.59 -19.68 35.70
C ASP A 320 -12.49 -20.72 35.45
N LEU A 321 -11.24 -20.26 35.43
CA LEU A 321 -10.07 -21.15 35.30
C LEU A 321 -9.66 -21.70 36.66
N ASN A 322 -9.10 -22.89 36.65
CA ASN A 322 -8.51 -23.57 37.84
C ASN A 322 -7.11 -23.00 38.10
N THR A 323 -7.01 -21.97 38.94
CA THR A 323 -5.74 -21.25 39.23
C THR A 323 -4.78 -22.16 39.99
N GLU A 324 -5.22 -23.12 40.81
CA GLU A 324 -4.25 -23.94 41.58
C GLU A 324 -3.59 -24.93 40.63
N LEU A 325 -4.23 -25.26 39.50
CA LEU A 325 -3.55 -26.10 38.46
C LEU A 325 -2.98 -25.20 37.34
N GLU A 326 -3.07 -23.88 37.51
CA GLU A 326 -2.43 -22.86 36.64
C GLU A 326 -2.98 -23.02 35.22
N GLU A 327 -4.28 -23.28 35.13
CA GLU A 327 -4.98 -23.44 33.83
C GLU A 327 -4.83 -22.16 33.00
N ALA A 328 -4.31 -22.32 31.78
CA ALA A 328 -4.12 -21.19 30.85
C ALA A 328 -5.46 -20.83 30.25
N ALA A 329 -5.65 -19.54 30.02
CA ALA A 329 -6.69 -19.00 29.13
C ALA A 329 -6.11 -19.10 27.72
N LYS A 330 -6.34 -20.23 27.07
CA LYS A 330 -5.75 -20.49 25.73
C LYS A 330 -6.40 -19.57 24.71
N PHE A 331 -5.66 -19.19 23.70
CA PHE A 331 -6.17 -18.32 22.64
C PHE A 331 -7.38 -19.00 21.97
N ASP A 332 -8.51 -18.32 21.92
CA ASP A 332 -9.74 -18.91 21.32
C ASP A 332 -10.64 -17.76 20.88
N PHE A 333 -10.41 -17.24 19.67
CA PHE A 333 -11.12 -16.04 19.20
C PHE A 333 -12.49 -16.45 18.64
N ASP A 334 -12.81 -17.75 18.59
CA ASP A 334 -14.20 -18.20 18.32
C ASP A 334 -15.09 -17.93 19.54
N ASN A 335 -14.49 -17.80 20.73
CA ASN A 335 -15.17 -17.75 22.05
C ASN A 335 -15.47 -16.30 22.44
N LEU A 336 -16.76 -15.96 22.58
CA LEU A 336 -17.18 -14.57 22.92
C LEU A 336 -16.52 -14.20 24.25
N LYS A 337 -16.48 -15.11 25.23
CA LYS A 337 -16.01 -14.70 26.60
C LYS A 337 -14.50 -14.43 26.57
N PHE A 338 -13.78 -15.26 25.82
CA PHE A 338 -12.32 -15.08 25.62
C PHE A 338 -12.08 -13.73 24.95
N ARG A 339 -12.82 -13.40 23.89
CA ARG A 339 -12.60 -12.12 23.17
C ARG A 339 -12.82 -10.97 24.14
N LYS A 340 -13.90 -11.05 24.91
CA LYS A 340 -14.21 -9.96 25.86
C LYS A 340 -13.06 -9.80 26.86
N ALA A 341 -12.59 -10.90 27.43
CA ALA A 341 -11.51 -10.88 28.44
C ALA A 341 -10.23 -10.34 27.78
N TYR A 342 -9.96 -10.77 26.56
CA TYR A 342 -8.78 -10.27 25.78
C TYR A 342 -8.85 -8.76 25.62
N PHE A 343 -9.98 -8.22 25.12
CA PHE A 343 -10.09 -6.76 24.86
C PHE A 343 -10.13 -5.98 26.19
N GLU A 344 -10.94 -6.45 27.14
CA GLU A 344 -11.28 -5.66 28.37
C GLU A 344 -10.23 -5.82 29.46
N GLU A 345 -9.74 -7.04 29.72
CA GLU A 345 -8.87 -7.33 30.88
C GLU A 345 -7.40 -7.51 30.47
N VAL A 346 -7.09 -7.71 29.18
CA VAL A 346 -5.67 -7.91 28.75
C VAL A 346 -5.21 -6.65 28.04
N HIS A 347 -5.83 -6.32 26.91
CA HIS A 347 -5.54 -5.07 26.19
C HIS A 347 -5.99 -3.85 27.01
N GLY A 348 -7.13 -3.95 27.70
CA GLY A 348 -7.73 -2.77 28.36
C GLY A 348 -6.74 -2.03 29.27
N PRO A 349 -6.10 -2.71 30.25
CA PRO A 349 -5.13 -2.04 31.13
C PRO A 349 -3.96 -1.36 30.39
N LEU A 350 -3.50 -1.97 29.29
CA LEU A 350 -2.38 -1.44 28.49
C LEU A 350 -2.85 -0.19 27.75
N GLU A 351 -4.09 -0.20 27.26
CA GLU A 351 -4.71 1.01 26.62
C GLU A 351 -4.84 2.14 27.66
N LYS A 352 -5.22 1.81 28.89
CA LYS A 352 -5.33 2.79 30.01
C LYS A 352 -3.95 3.39 30.28
N GLU A 353 -2.87 2.63 30.09
CA GLU A 353 -1.48 3.13 30.26
C GLU A 353 -1.07 3.99 29.05
N GLY A 354 -1.80 3.90 27.93
CA GLY A 354 -1.72 4.85 26.82
C GLY A 354 -1.49 4.20 25.45
N VAL A 355 -1.49 2.88 25.36
CA VAL A 355 -1.31 2.21 24.03
C VAL A 355 -2.46 2.67 23.12
N ASP A 356 -2.12 3.19 21.95
CA ASP A 356 -3.07 3.81 20.97
C ASP A 356 -3.72 2.78 20.04
N PHE A 357 -3.00 1.74 19.62
CA PHE A 357 -3.54 0.76 18.65
C PHE A 357 -2.65 -0.48 18.73
N TRP A 358 -3.12 -1.59 18.14
CA TRP A 358 -2.52 -2.93 18.31
C TRP A 358 -1.82 -3.41 17.04
N TRP A 359 -0.57 -3.84 17.22
CA TRP A 359 0.18 -4.60 16.21
C TRP A 359 -0.10 -6.07 16.47
N ILE A 360 -1.03 -6.62 15.70
CA ILE A 360 -1.37 -8.06 15.78
C ILE A 360 -0.35 -8.80 14.91
N ASP A 361 0.46 -9.64 15.55
CA ASP A 361 1.59 -10.32 14.86
C ASP A 361 1.38 -11.81 14.92
N TRP A 362 0.44 -12.30 14.11
CA TRP A 362 -0.04 -13.68 14.14
C TRP A 362 0.71 -14.51 13.08
N GLN A 363 1.38 -15.58 13.52
CA GLN A 363 2.10 -16.48 12.59
C GLN A 363 1.85 -17.94 12.93
N GLN A 364 0.81 -18.26 13.70
CA GLN A 364 0.66 -19.63 14.24
C GLN A 364 -0.50 -20.37 13.57
N GLY A 365 -0.81 -20.06 12.31
CA GLY A 365 -1.59 -21.00 11.49
C GLY A 365 -3.03 -20.54 11.29
N ALA A 366 -3.83 -21.39 10.67
CA ALA A 366 -5.19 -21.06 10.17
C ALA A 366 -6.21 -21.99 10.83
N ILE A 367 -5.87 -22.65 11.95
CA ILE A 367 -6.73 -23.68 12.60
C ILE A 367 -7.66 -23.03 13.66
N SER A 368 -8.95 -23.37 13.58
CA SER A 368 -9.99 -23.03 14.59
C SER A 368 -11.15 -24.05 14.48
N LYS A 369 -11.87 -24.22 15.59
CA LYS A 369 -13.10 -25.03 15.69
C LYS A 369 -14.06 -24.64 14.56
N SER A 370 -14.31 -23.33 14.43
CA SER A 370 -15.32 -22.77 13.50
C SER A 370 -14.93 -22.98 12.03
N GLY A 371 -13.63 -23.18 11.74
CA GLY A 371 -13.12 -23.15 10.36
C GLY A 371 -12.86 -21.74 9.87
N VAL A 372 -12.97 -20.76 10.75
CA VAL A 372 -12.58 -19.37 10.42
C VAL A 372 -11.12 -19.21 10.83
N ASP A 373 -10.34 -18.62 9.93
CA ASP A 373 -8.92 -18.34 10.16
C ASP A 373 -8.79 -17.44 11.39
N PRO A 374 -8.03 -17.85 12.44
CA PRO A 374 -7.80 -16.97 13.58
C PRO A 374 -7.31 -15.58 13.20
N LEU A 375 -6.53 -15.47 12.11
CA LEU A 375 -6.05 -14.13 11.68
C LEU A 375 -7.24 -13.26 11.25
N TRP A 376 -8.22 -13.81 10.59
CA TRP A 376 -9.44 -13.07 10.17
C TRP A 376 -10.21 -12.65 11.45
N LEU A 377 -10.37 -13.56 12.39
CA LEU A 377 -11.09 -13.27 13.66
C LEU A 377 -10.39 -12.12 14.38
N LEU A 378 -9.05 -12.17 14.48
CA LEU A 378 -8.25 -11.09 15.11
C LEU A 378 -8.46 -9.78 14.36
N ASN A 379 -8.31 -9.77 13.04
CA ASN A 379 -8.35 -8.47 12.32
C ASN A 379 -9.77 -7.88 12.42
N HIS A 380 -10.78 -8.71 12.24
CA HIS A 380 -12.21 -8.27 12.24
C HIS A 380 -12.56 -7.71 13.62
N TYR A 381 -12.31 -8.49 14.65
CA TYR A 381 -12.73 -8.07 16.03
C TYR A 381 -11.81 -6.98 16.59
N GLN A 382 -10.48 -7.05 16.34
CA GLN A 382 -9.57 -6.01 16.87
C GLN A 382 -9.83 -4.68 16.17
N TYR A 383 -10.06 -4.67 14.84
CA TYR A 383 -10.29 -3.38 14.15
C TYR A 383 -11.55 -2.76 14.75
N GLN A 384 -12.59 -3.56 14.89
CA GLN A 384 -13.88 -3.08 15.50
C GLN A 384 -13.61 -2.56 16.92
N ASN A 385 -13.00 -3.36 17.80
CA ASN A 385 -12.64 -2.90 19.17
C ASN A 385 -11.79 -1.62 19.17
N ALA A 386 -10.84 -1.41 18.22
CA ALA A 386 -9.97 -0.21 18.20
C ALA A 386 -10.78 1.08 18.01
N GLN A 387 -11.98 0.99 17.44
CA GLN A 387 -12.82 2.19 17.17
C GLN A 387 -13.42 2.72 18.48
N LYS A 388 -13.42 1.92 19.54
CA LYS A 388 -14.08 2.31 20.82
C LYS A 388 -13.33 3.51 21.42
N LYS A 389 -12.00 3.53 21.42
CA LYS A 389 -11.21 4.55 22.15
C LYS A 389 -10.67 5.66 21.23
N HIS A 390 -10.64 5.50 19.91
CA HIS A 390 -10.07 6.51 18.97
C HIS A 390 -10.86 6.48 17.67
N LYS A 391 -11.07 7.64 17.06
CA LYS A 391 -11.84 7.78 15.81
C LYS A 391 -10.97 7.30 14.64
N ASN A 392 -11.47 6.43 13.80
CA ASN A 392 -10.73 6.07 12.56
C ASN A 392 -9.43 5.37 12.96
N ASN A 393 -9.51 4.53 13.97
CA ASN A 393 -8.30 3.88 14.50
C ASN A 393 -7.86 2.79 13.53
N ILE A 394 -6.66 2.26 13.72
CA ILE A 394 -6.15 1.18 12.84
C ILE A 394 -5.73 -0.04 13.65
N ILE A 395 -5.37 -1.11 12.93
CA ILE A 395 -4.52 -2.21 13.46
C ILE A 395 -3.28 -2.26 12.57
N LEU A 396 -2.40 -3.18 12.89
CA LEU A 396 -1.31 -3.55 11.96
C LEU A 396 -1.25 -5.07 11.96
N SER A 397 -1.66 -5.69 10.85
CA SER A 397 -1.80 -7.16 10.83
C SER A 397 -1.72 -7.68 9.39
N ARG A 398 -1.42 -8.97 9.26
CA ARG A 398 -1.29 -9.65 7.95
C ARG A 398 -2.63 -9.73 7.22
N TYR A 399 -2.56 -9.96 5.92
CA TYR A 399 -3.75 -10.08 5.04
C TYR A 399 -4.57 -11.33 5.39
N ALA A 400 -5.89 -11.16 5.50
CA ALA A 400 -6.81 -12.23 5.97
C ALA A 400 -7.84 -12.56 4.89
N GLY A 401 -7.51 -12.32 3.61
CA GLY A 401 -8.38 -12.79 2.52
C GLY A 401 -9.29 -11.66 2.03
N PRO A 402 -10.03 -11.89 0.94
CA PRO A 402 -10.83 -10.82 0.31
C PRO A 402 -11.85 -10.25 1.28
N GLY A 403 -11.90 -8.93 1.33
CA GLY A 403 -12.72 -8.16 2.26
C GLY A 403 -11.94 -7.66 3.45
N SER A 404 -10.75 -8.25 3.75
CA SER A 404 -9.99 -7.89 4.97
C SER A 404 -9.34 -6.51 4.78
N HIS A 405 -9.50 -5.87 3.62
CA HIS A 405 -9.16 -4.43 3.46
C HIS A 405 -10.00 -3.55 4.39
N ARG A 406 -11.08 -4.11 4.93
CA ARG A 406 -11.97 -3.35 5.88
C ARG A 406 -11.22 -3.09 7.17
N TYR A 407 -10.07 -3.76 7.38
CA TYR A 407 -9.33 -3.76 8.67
C TYR A 407 -7.88 -3.31 8.45
N PRO A 408 -7.63 -2.09 7.94
CA PRO A 408 -6.25 -1.65 7.73
C PRO A 408 -5.55 -1.43 9.06
N LEU A 409 -4.22 -1.50 9.08
CA LEU A 409 -3.33 -1.58 7.92
C LEU A 409 -2.83 -3.02 7.71
N GLY A 410 -2.46 -3.31 6.48
CA GLY A 410 -1.76 -4.56 6.11
C GLY A 410 -0.31 -4.53 6.63
N PHE A 411 0.15 -5.69 7.10
CA PHE A 411 1.50 -5.88 7.66
C PHE A 411 2.13 -7.08 6.97
N SER A 412 3.08 -6.87 6.07
CA SER A 412 3.58 -8.01 5.21
C SER A 412 4.55 -8.90 5.96
N GLY A 413 5.22 -8.42 7.01
CA GLY A 413 6.01 -9.31 7.88
C GLY A 413 7.45 -9.55 7.44
N ALA A 414 7.95 -10.76 7.72
CA ALA A 414 9.38 -11.03 7.92
C ALA A 414 10.06 -11.37 6.58
N SER A 415 10.05 -10.42 5.66
CA SER A 415 10.84 -10.47 4.40
C SER A 415 12.33 -10.67 4.68
N VAL A 416 12.98 -11.38 3.77
CA VAL A 416 14.45 -11.51 3.78
C VAL A 416 15.05 -10.22 3.21
N ILE A 417 16.08 -9.71 3.89
CA ILE A 417 16.82 -8.48 3.47
C ILE A 417 17.68 -8.79 2.24
N SER A 418 17.18 -8.43 1.05
CA SER A 418 17.90 -8.74 -0.20
C SER A 418 17.43 -7.81 -1.31
N TRP A 419 18.28 -7.67 -2.30
CA TRP A 419 17.90 -6.99 -3.55
C TRP A 419 16.69 -7.71 -4.15
N ALA A 420 16.67 -9.03 -4.11
CA ALA A 420 15.55 -9.82 -4.69
C ALA A 420 14.22 -9.46 -4.01
N SER A 421 14.20 -9.31 -2.69
CA SER A 421 12.98 -8.93 -1.94
C SER A 421 12.56 -7.51 -2.36
N LEU A 422 13.51 -6.57 -2.41
CA LEU A 422 13.15 -5.20 -2.81
C LEU A 422 12.57 -5.24 -4.22
N ASP A 423 13.22 -5.99 -5.13
CA ASP A 423 12.81 -6.02 -6.55
C ASP A 423 11.39 -6.57 -6.72
N PHE A 424 10.90 -7.38 -5.81
CA PHE A 424 9.52 -7.92 -5.84
C PHE A 424 8.51 -6.90 -5.30
N GLN A 425 8.91 -5.99 -4.41
CA GLN A 425 7.95 -5.33 -3.54
C GLN A 425 7.10 -4.30 -4.26
N PRO A 426 7.58 -3.46 -5.22
CA PRO A 426 6.67 -2.52 -5.89
C PRO A 426 5.54 -3.26 -6.61
N TYR A 427 5.90 -4.30 -7.38
CA TYR A 427 4.94 -5.18 -8.09
C TYR A 427 3.93 -5.78 -7.11
N PHE A 428 4.44 -6.34 -6.01
CA PHE A 428 3.59 -6.88 -4.94
C PHE A 428 2.56 -5.83 -4.51
N THR A 429 3.00 -4.58 -4.36
CA THR A 429 2.20 -3.51 -3.69
C THR A 429 1.09 -3.05 -4.65
N SER A 430 1.44 -2.79 -5.90
CA SER A 430 0.46 -2.31 -6.89
C SER A 430 -0.52 -3.43 -7.23
N THR A 431 -0.04 -4.68 -7.39
CA THR A 431 -0.91 -5.80 -7.73
C THR A 431 -1.98 -6.00 -6.63
N ALA A 432 -1.66 -5.72 -5.36
CA ALA A 432 -2.61 -5.92 -4.27
C ALA A 432 -3.91 -5.11 -4.49
N SER A 433 -3.82 -3.99 -5.18
CA SER A 433 -5.02 -3.16 -5.51
C SER A 433 -6.04 -4.00 -6.28
N ASN A 434 -5.61 -5.06 -6.97
CA ASN A 434 -6.51 -5.93 -7.76
C ASN A 434 -7.42 -6.78 -6.87
N ILE A 435 -7.19 -6.87 -5.56
CA ILE A 435 -8.13 -7.51 -4.59
C ILE A 435 -8.47 -6.46 -3.51
N GLY A 436 -8.26 -5.21 -3.84
CA GLY A 436 -8.69 -4.07 -3.02
C GLY A 436 -7.92 -3.90 -1.72
N TYR A 437 -6.73 -4.49 -1.57
CA TYR A 437 -5.98 -4.41 -0.29
C TYR A 437 -4.89 -3.38 -0.46
N THR A 438 -5.20 -2.09 -0.22
CA THR A 438 -4.41 -0.97 -0.75
C THR A 438 -3.54 -0.30 0.32
N TRP A 439 -3.50 -0.86 1.54
CA TRP A 439 -2.69 -0.26 2.62
C TRP A 439 -1.65 -1.27 3.15
N TRP A 440 -0.87 -1.88 2.26
CA TRP A 440 0.25 -2.74 2.72
C TRP A 440 1.34 -1.86 3.34
N SER A 441 1.74 -2.21 4.55
CA SER A 441 2.95 -1.72 5.22
C SER A 441 4.00 -2.83 5.20
N HIS A 442 5.06 -2.60 4.43
CA HIS A 442 6.25 -3.47 4.38
C HIS A 442 7.27 -3.00 5.40
N ASP A 443 8.03 -3.94 5.95
CA ASP A 443 9.24 -3.57 6.70
C ASP A 443 10.19 -2.86 5.76
N ILE A 444 10.39 -1.56 5.93
CA ILE A 444 11.25 -0.80 4.99
C ILE A 444 12.72 -1.17 5.28
N GLY A 445 13.43 -1.60 4.21
CA GLY A 445 14.80 -2.14 4.29
C GLY A 445 14.86 -3.65 4.47
N GLY A 446 13.72 -4.34 4.61
CA GLY A 446 13.65 -5.79 4.77
C GLY A 446 13.70 -6.17 6.23
N HIS A 447 13.19 -7.33 6.58
CA HIS A 447 13.06 -7.71 8.00
C HIS A 447 14.32 -8.40 8.53
N MET A 448 14.68 -9.54 7.96
CA MET A 448 15.62 -10.46 8.63
C MET A 448 16.52 -11.19 7.64
N GLN A 449 17.50 -11.91 8.20
CA GLN A 449 18.46 -12.70 7.43
C GLN A 449 19.02 -11.84 6.32
N GLY A 450 19.34 -12.41 5.15
CA GLY A 450 19.87 -11.58 4.06
C GLY A 450 21.23 -10.99 4.38
N TYR A 451 21.54 -9.85 3.77
CA TYR A 451 22.94 -9.35 3.77
CA TYR A 451 22.94 -9.36 3.57
C TYR A 451 22.94 -7.83 3.77
N LYS A 452 24.07 -7.27 4.22
CA LYS A 452 24.25 -5.82 4.37
C LYS A 452 24.65 -5.21 3.04
N ASP A 453 23.99 -4.10 2.71
CA ASP A 453 24.34 -3.26 1.55
C ASP A 453 23.62 -1.94 1.80
N ALA A 454 24.36 -0.90 2.15
CA ALA A 454 23.77 0.41 2.52
C ALA A 454 22.94 0.95 1.32
N GLU A 455 23.36 0.64 0.11
CA GLU A 455 22.62 1.08 -1.09
C GLU A 455 21.24 0.39 -1.16
N LEU A 456 21.15 -0.89 -0.81
CA LEU A 456 19.88 -1.64 -0.74
C LEU A 456 18.99 -0.95 0.29
N SER A 457 19.52 -0.65 1.46
CA SER A 457 18.76 0.08 2.52
C SER A 457 18.21 1.40 1.96
N LEU A 458 19.04 2.17 1.25
CA LEU A 458 18.63 3.49 0.72
C LEU A 458 17.58 3.31 -0.39
N ARG A 459 17.81 2.40 -1.35
CA ARG A 459 16.78 2.16 -2.40
C ARG A 459 15.47 1.69 -1.76
N TRP A 460 15.51 0.89 -0.69
CA TRP A 460 14.28 0.36 -0.06
C TRP A 460 13.49 1.53 0.55
N LEU A 461 14.18 2.45 1.19
CA LEU A 461 13.54 3.63 1.79
C LEU A 461 12.94 4.54 0.73
N GLN A 462 13.62 4.73 -0.39
CA GLN A 462 13.04 5.47 -1.53
C GLN A 462 11.69 4.85 -1.89
N PHE A 463 11.63 3.55 -2.10
CA PHE A 463 10.36 2.85 -2.38
C PHE A 463 9.35 3.08 -1.25
N GLY A 464 9.74 2.84 0.01
CA GLY A 464 8.82 2.97 1.14
C GLY A 464 8.16 4.34 1.16
N VAL A 465 8.92 5.39 0.92
CA VAL A 465 8.38 6.78 0.94
C VAL A 465 7.26 6.92 -0.11
N PHE A 466 7.36 6.19 -1.23
CA PHE A 466 6.33 6.17 -2.30
C PHE A 466 5.52 4.86 -2.28
N SER A 467 5.26 4.37 -1.08
CA SER A 467 4.43 3.19 -0.81
C SER A 467 3.27 3.61 0.10
N PRO A 468 2.29 2.74 0.33
CA PRO A 468 1.13 3.11 1.16
C PRO A 468 1.51 3.60 2.57
N ILE A 469 2.52 2.97 3.18
CA ILE A 469 2.92 3.19 4.61
C ILE A 469 4.45 3.12 4.68
N ASN A 470 5.08 4.01 5.43
CA ASN A 470 6.57 4.06 5.53
C ASN A 470 6.98 3.72 6.95
N ARG A 471 7.04 2.42 7.25
CA ARG A 471 7.38 1.88 8.59
C ARG A 471 8.77 1.24 8.53
N LEU A 472 9.75 1.89 9.15
CA LEU A 472 11.10 1.29 9.28
C LEU A 472 10.98 0.17 10.30
N HIS A 473 11.50 -1.01 10.00
CA HIS A 473 11.50 -2.13 10.97
C HIS A 473 12.63 -3.11 10.65
N SER A 474 13.06 -3.91 11.63
CA SER A 474 14.20 -4.86 11.50
C SER A 474 14.06 -5.94 12.55
N SER A 475 14.58 -7.14 12.31
N SER A 475 14.63 -7.12 12.28
CA SER A 475 14.55 -8.26 13.28
CA SER A 475 15.19 -8.14 12.86
C SER A 475 15.65 -8.00 14.32
C SER A 475 15.77 -7.97 14.32
N LYS A 476 15.85 -9.01 15.16
CA LYS A 476 16.73 -9.04 16.33
C LYS A 476 18.14 -9.33 15.78
N SER A 477 18.87 -8.31 15.46
CA SER A 477 20.30 -8.42 15.08
C SER A 477 20.87 -7.12 15.58
N GLU A 478 22.08 -7.14 16.14
CA GLU A 478 22.79 -5.89 16.49
C GLU A 478 23.11 -5.11 15.20
N PHE A 479 22.96 -5.71 14.01
CA PHE A 479 23.55 -5.16 12.77
C PHE A 479 22.52 -4.62 11.79
N THR A 480 21.22 -4.68 12.11
CA THR A 480 20.18 -4.36 11.08
C THR A 480 19.34 -3.11 11.43
N SER A 481 19.82 -2.22 12.28
CA SER A 481 19.06 -0.97 12.56
C SER A 481 18.87 -0.17 11.27
N LYS A 482 17.69 0.43 11.12
CA LYS A 482 17.36 1.29 9.96
C LYS A 482 17.57 2.77 10.29
N GLU A 483 18.21 3.07 11.43
CA GLU A 483 18.59 4.47 11.75
C GLU A 483 19.45 5.01 10.62
N PRO A 484 19.14 6.18 10.01
CA PRO A 484 19.99 6.75 8.99
C PRO A 484 21.48 6.86 9.37
N TRP A 485 21.76 7.17 10.63
CA TRP A 485 23.14 7.45 11.11
C TRP A 485 23.88 6.14 11.39
N HIS A 486 23.25 4.98 11.15
CA HIS A 486 23.93 3.68 11.07
C HIS A 486 24.92 3.70 9.90
N PHE A 487 24.59 4.40 8.82
CA PHE A 487 25.32 4.38 7.54
C PHE A 487 26.28 5.57 7.44
N ASP A 488 27.01 5.65 6.33
CA ASP A 488 28.01 6.72 6.13
C ASP A 488 27.29 8.04 5.87
N ALA A 489 28.05 9.13 5.75
CA ALA A 489 27.47 10.49 5.76
C ALA A 489 26.61 10.66 4.50
N VAL A 490 26.99 10.03 3.40
CA VAL A 490 26.26 10.19 2.10
C VAL A 490 24.90 9.48 2.21
N ILE A 491 24.92 8.24 2.66
CA ILE A 491 23.68 7.44 2.83
C ILE A 491 22.80 8.11 3.89
N GLU A 492 23.38 8.50 5.04
CA GLU A 492 22.62 9.14 6.14
C GLU A 492 21.83 10.34 5.61
N GLN A 493 22.50 11.25 4.90
CA GLN A 493 21.89 12.53 4.45
C GLN A 493 20.77 12.21 3.47
N SER A 494 20.99 11.24 2.58
CA SER A 494 19.95 10.86 1.60
C SER A 494 18.72 10.27 2.32
N MET A 495 18.93 9.41 3.32
CA MET A 495 17.84 8.79 4.08
C MET A 495 17.05 9.87 4.82
N ILE A 496 17.75 10.83 5.40
CA ILE A 496 17.08 11.94 6.13
C ILE A 496 16.23 12.74 5.13
N ASP A 497 16.79 13.04 3.98
CA ASP A 497 16.07 13.79 2.90
C ASP A 497 14.77 13.05 2.52
N PHE A 498 14.83 11.73 2.25
CA PHE A 498 13.65 10.92 1.86
C PHE A 498 12.66 10.86 3.03
N LEU A 499 13.13 10.74 4.27
CA LEU A 499 12.22 10.65 5.44
C LEU A 499 11.48 12.00 5.62
N GLN A 500 12.16 13.10 5.36
CA GLN A 500 11.50 14.43 5.42
C GLN A 500 10.53 14.53 4.26
N LEU A 501 10.88 13.98 3.11
CA LEU A 501 9.96 14.03 1.94
C LEU A 501 8.66 13.30 2.28
N ARG A 502 8.71 12.16 2.96
CA ARG A 502 7.48 11.42 3.34
C ARG A 502 6.51 12.37 4.07
N HIS A 503 6.97 13.09 5.07
CA HIS A 503 6.10 14.09 5.79
C HIS A 503 5.67 15.23 4.86
N GLN A 504 6.50 15.65 3.90
CA GLN A 504 6.06 16.66 2.92
C GLN A 504 4.89 16.10 2.12
N LEU A 505 4.86 14.78 1.91
CA LEU A 505 3.81 14.15 1.07
C LEU A 505 2.55 13.86 1.88
N ILE A 506 2.51 14.11 3.20
CA ILE A 506 1.34 13.67 3.99
C ILE A 506 0.07 14.34 3.47
N PRO A 507 0.00 15.66 3.19
CA PRO A 507 -1.22 16.21 2.60
C PRO A 507 -1.73 15.43 1.39
N TYR A 508 -0.84 15.10 0.43
CA TYR A 508 -1.19 14.33 -0.79
C TYR A 508 -1.69 12.93 -0.42
N LEU A 509 -1.02 12.27 0.51
CA LEU A 509 -1.37 10.91 0.96
C LEU A 509 -2.74 10.93 1.65
N TYR A 510 -2.97 11.91 2.50
CA TYR A 510 -4.20 11.94 3.32
C TYR A 510 -5.40 12.19 2.41
N SER A 511 -5.21 13.08 1.44
CA SER A 511 -6.25 13.36 0.44
C SER A 511 -6.56 12.08 -0.36
N ALA A 512 -5.52 11.38 -0.80
CA ALA A 512 -5.72 10.07 -1.51
C ALA A 512 -6.43 9.07 -0.60
N ASN A 513 -6.06 9.03 0.68
CA ASN A 513 -6.72 8.17 1.68
C ASN A 513 -8.23 8.46 1.69
N LEU A 514 -8.62 9.71 1.73
CA LEU A 514 -10.09 10.02 1.78
C LEU A 514 -10.71 9.59 0.44
N ILE A 515 -9.96 9.64 -0.66
CA ILE A 515 -10.46 9.18 -2.00
C ILE A 515 -10.57 7.65 -2.02
N THR A 516 -9.65 6.92 -1.37
CA THR A 516 -9.84 5.45 -1.23
C THR A 516 -11.18 5.17 -0.50
N ALA A 517 -11.39 5.84 0.64
CA ALA A 517 -12.52 5.57 1.57
C ALA A 517 -13.85 5.94 0.88
N SER A 518 -13.89 7.01 0.12
CA SER A 518 -15.17 7.58 -0.38
C SER A 518 -15.42 7.17 -1.83
N GLU A 519 -14.39 6.92 -2.66
CA GLU A 519 -14.60 6.67 -4.12
C GLU A 519 -14.01 5.33 -4.56
N GLY A 520 -13.36 4.58 -3.68
CA GLY A 520 -12.84 3.24 -4.00
C GLY A 520 -11.69 3.25 -4.98
N ARG A 521 -10.93 4.34 -5.02
CA ARG A 521 -9.68 4.44 -5.83
C ARG A 521 -8.45 4.16 -4.96
N ALA A 522 -7.64 3.20 -5.39
CA ALA A 522 -6.34 2.89 -4.72
C ALA A 522 -5.36 4.06 -4.86
N LEU A 523 -4.58 4.31 -3.81
CA LEU A 523 -3.41 5.21 -3.86
C LEU A 523 -2.42 4.67 -4.87
N VAL A 524 -2.09 3.39 -4.79
CA VAL A 524 -1.10 2.78 -5.71
C VAL A 524 -1.85 1.99 -6.75
N GLU A 525 -1.70 2.38 -8.03
CA GLU A 525 -2.33 1.67 -9.15
C GLU A 525 -1.30 1.09 -10.09
N PRO A 526 -1.48 -0.17 -10.54
CA PRO A 526 -0.73 -0.66 -11.68
C PRO A 526 -0.94 0.28 -12.87
N LEU A 527 0.03 0.33 -13.78
CA LEU A 527 -0.09 1.23 -14.96
C LEU A 527 -1.38 0.92 -15.73
N TYR A 528 -1.79 -0.35 -15.77
CA TYR A 528 -2.88 -0.81 -16.65
C TYR A 528 -4.24 -0.32 -16.11
N TYR A 529 -4.33 0.25 -14.90
CA TYR A 529 -5.60 0.89 -14.47
C TYR A 529 -5.85 2.09 -15.39
N GLU A 530 -4.82 2.92 -15.58
CA GLU A 530 -4.93 4.18 -16.35
C GLU A 530 -4.82 3.87 -17.85
N TYR A 531 -4.04 2.86 -18.25
CA TYR A 531 -3.64 2.57 -19.67
C TYR A 531 -3.96 1.12 -20.02
N PRO A 532 -5.22 0.66 -19.86
CA PRO A 532 -5.56 -0.74 -20.04
C PRO A 532 -5.29 -1.36 -21.42
N MET A 533 -5.27 -0.52 -22.47
CA MET A 533 -5.06 -1.00 -23.86
C MET A 533 -3.60 -0.82 -24.31
N GLU A 534 -2.69 -0.35 -23.45
CA GLU A 534 -1.26 -0.18 -23.82
C GLU A 534 -0.50 -1.43 -23.39
N GLU A 535 0.02 -2.20 -24.33
CA GLU A 535 0.77 -3.43 -23.94
C GLU A 535 1.91 -3.06 -22.97
N GLU A 536 2.56 -1.89 -23.12
CA GLU A 536 3.71 -1.53 -22.25
C GLU A 536 3.23 -1.34 -20.81
N ALA A 537 1.93 -1.09 -20.55
CA ALA A 537 1.41 -0.93 -19.19
C ALA A 537 1.41 -2.27 -18.45
N TYR A 538 1.57 -3.39 -19.16
CA TYR A 538 1.67 -4.74 -18.55
C TYR A 538 3.13 -5.21 -18.51
N GLN A 539 4.10 -4.41 -18.92
CA GLN A 539 5.51 -4.90 -19.09
C GLN A 539 6.47 -4.14 -18.16
N HIS A 540 5.95 -3.36 -17.22
CA HIS A 540 6.79 -2.60 -16.27
C HIS A 540 6.28 -2.87 -14.87
N ARG A 541 6.55 -4.07 -14.37
CA ARG A 541 5.93 -4.67 -13.14
C ARG A 541 6.07 -3.74 -11.94
N ASN A 542 7.18 -3.03 -11.83
CA ASN A 542 7.50 -2.24 -10.62
C ASN A 542 7.12 -0.78 -10.79
N GLN A 543 6.56 -0.41 -11.95
CA GLN A 543 6.17 0.99 -12.21
C GLN A 543 4.71 1.17 -11.80
N TYR A 544 4.38 2.32 -11.22
CA TYR A 544 2.98 2.49 -10.74
C TYR A 544 2.60 3.96 -10.74
N LEU A 545 1.30 4.18 -10.68
CA LEU A 545 0.75 5.51 -10.37
C LEU A 545 0.62 5.63 -8.85
N PHE A 546 0.97 6.80 -8.33
CA PHE A 546 1.01 7.13 -6.89
C PHE A 546 0.10 8.37 -6.76
N GLY A 547 -1.15 8.15 -6.36
CA GLY A 547 -2.18 9.17 -6.43
C GLY A 547 -2.46 9.45 -7.88
N GLU A 548 -2.98 10.62 -8.20
CA GLU A 548 -3.36 10.93 -9.59
C GLU A 548 -2.31 11.79 -10.27
N GLN A 549 -1.27 12.27 -9.59
CA GLN A 549 -0.39 13.30 -10.16
C GLN A 549 1.04 12.76 -10.40
N LEU A 550 1.40 11.57 -9.91
CA LEU A 550 2.81 11.11 -9.87
C LEU A 550 2.86 9.69 -10.39
N MET A 551 3.94 9.39 -11.11
CA MET A 551 4.22 8.05 -11.67
C MET A 551 5.62 7.68 -11.16
N VAL A 552 5.73 6.50 -10.56
CA VAL A 552 6.96 6.09 -9.83
C VAL A 552 7.57 4.88 -10.54
N ALA A 553 8.89 4.91 -10.74
CA ALA A 553 9.66 3.77 -11.28
C ALA A 553 10.83 3.54 -10.34
N PRO A 554 10.64 2.82 -9.23
CA PRO A 554 11.71 2.67 -8.27
C PRO A 554 12.86 1.90 -8.90
N ILE A 555 14.08 2.22 -8.43
CA ILE A 555 15.28 1.42 -8.81
C ILE A 555 15.44 0.34 -7.74
N THR A 556 15.50 -0.90 -8.19
CA THR A 556 15.51 -2.06 -7.29
C THR A 556 16.62 -3.03 -7.68
N GLU A 557 17.67 -2.53 -8.35
CA GLU A 557 18.88 -3.33 -8.72
C GLU A 557 20.12 -2.55 -8.30
N LYS A 558 21.12 -3.25 -7.79
CA LYS A 558 22.41 -2.65 -7.39
C LYS A 558 23.01 -1.88 -8.56
N MET A 559 23.59 -0.73 -8.27
CA MET A 559 24.17 0.16 -9.31
C MET A 559 25.27 -0.55 -10.11
N ASN A 560 25.43 -0.10 -11.35
CA ASN A 560 26.53 -0.47 -12.25
C ASN A 560 27.73 0.35 -11.76
N SER A 561 28.79 -0.29 -11.22
CA SER A 561 29.92 0.46 -10.60
C SER A 561 30.64 1.28 -11.67
N LEU A 562 30.62 0.90 -12.95
CA LEU A 562 31.29 1.71 -13.99
C LEU A 562 30.53 3.02 -14.15
N LEU A 563 29.22 3.04 -13.97
CA LEU A 563 28.44 4.30 -14.14
C LEU A 563 28.27 5.03 -12.80
N GLN A 564 28.43 4.33 -11.69
CA GLN A 564 28.05 4.85 -10.35
C GLN A 564 26.58 5.27 -10.34
N MET A 565 25.74 4.53 -11.07
CA MET A 565 24.29 4.80 -11.22
C MET A 565 23.53 3.50 -11.34
N GLY A 566 22.36 3.46 -10.71
CA GLY A 566 21.37 2.40 -10.93
C GLY A 566 20.45 2.78 -12.06
N SER A 567 19.61 1.86 -12.50
CA SER A 567 18.74 2.13 -13.67
C SER A 567 17.47 1.30 -13.60
N VAL A 568 16.47 1.75 -14.35
CA VAL A 568 15.18 1.02 -14.52
C VAL A 568 14.66 1.43 -15.90
N GLU A 569 14.08 0.48 -16.65
CA GLU A 569 13.39 0.81 -17.91
C GLU A 569 12.01 1.38 -17.54
N VAL A 570 11.78 2.62 -17.96
CA VAL A 570 10.54 3.38 -17.70
C VAL A 570 9.71 3.43 -18.97
N TRP A 571 8.42 3.14 -18.83
CA TRP A 571 7.45 3.38 -19.92
C TRP A 571 6.83 4.76 -19.69
N PHE A 572 7.03 5.66 -20.63
CA PHE A 572 6.40 7.00 -20.54
C PHE A 572 5.17 6.95 -21.44
N PRO A 573 3.97 7.04 -20.86
CA PRO A 573 2.75 7.22 -21.65
C PRO A 573 2.80 8.49 -22.52
N GLU A 574 1.95 8.54 -23.54
CA GLU A 574 1.72 9.76 -24.36
C GLU A 574 1.73 11.00 -23.45
N GLY A 575 2.35 12.09 -23.89
CA GLY A 575 2.37 13.34 -23.10
C GLY A 575 3.79 13.77 -22.79
N THR A 576 3.92 14.94 -22.16
CA THR A 576 5.23 15.48 -21.71
C THR A 576 5.35 15.20 -20.22
N TRP A 577 6.43 14.52 -19.83
CA TRP A 577 6.70 14.12 -18.43
C TRP A 577 7.94 14.83 -17.93
N TYR A 578 7.98 15.12 -16.64
CA TYR A 578 9.11 15.77 -15.97
C TYR A 578 9.50 14.87 -14.80
N ASP A 579 10.80 14.68 -14.61
CA ASP A 579 11.27 14.19 -13.30
C ASP A 579 10.76 15.15 -12.22
N PHE A 580 10.10 14.60 -11.22
CA PHE A 580 9.52 15.33 -10.07
C PHE A 580 10.59 16.15 -9.35
N PHE A 581 11.80 15.64 -9.28
CA PHE A 581 12.92 16.25 -8.49
C PHE A 581 13.71 17.20 -9.37
N SER A 582 14.09 16.83 -10.59
CA SER A 582 15.10 17.60 -11.37
C SER A 582 14.46 18.47 -12.44
N GLY A 583 13.25 18.11 -12.87
CA GLY A 583 12.61 18.72 -14.04
C GLY A 583 13.10 18.18 -15.36
N GLN A 584 13.95 17.14 -15.35
CA GLN A 584 14.40 16.52 -16.61
C GLN A 584 13.16 16.15 -17.41
N PRO A 585 13.05 16.57 -18.68
CA PRO A 585 11.85 16.27 -19.47
C PRO A 585 11.95 14.97 -20.27
N TYR A 586 10.79 14.37 -20.55
CA TYR A 586 10.66 13.18 -21.42
C TYR A 586 9.39 13.29 -22.27
N ASP A 587 9.58 13.17 -23.57
CA ASP A 587 8.48 13.09 -24.56
C ASP A 587 7.96 11.64 -24.60
N GLY A 588 6.73 11.39 -24.13
CA GLY A 588 6.05 10.10 -24.38
C GLY A 588 5.57 10.04 -25.82
N LYS A 589 5.11 8.89 -26.31
CA LYS A 589 5.15 7.61 -25.65
C LYS A 589 6.47 6.93 -26.02
N VAL A 590 7.18 6.38 -25.03
CA VAL A 590 8.52 5.78 -25.29
C VAL A 590 8.83 4.87 -24.12
N SER A 591 9.57 3.80 -24.36
CA SER A 591 10.23 3.02 -23.28
C SER A 591 11.73 3.35 -23.31
N LEU A 592 12.26 3.74 -22.18
CA LEU A 592 13.57 4.41 -22.10
C LEU A 592 14.19 3.95 -20.77
N LYS A 593 15.42 3.46 -20.85
CA LYS A 593 16.20 3.14 -19.62
C LYS A 593 16.66 4.44 -19.00
N VAL A 594 16.36 4.62 -17.71
CA VAL A 594 16.74 5.84 -16.97
C VAL A 594 17.70 5.45 -15.85
N TYR A 595 18.66 6.31 -15.62
CA TYR A 595 19.82 6.14 -14.72
C TYR A 595 19.74 7.19 -13.62
N ARG A 596 19.98 6.79 -12.39
CA ARG A 596 20.00 7.74 -11.26
C ARG A 596 21.13 7.30 -10.33
N GLU A 597 21.79 8.28 -9.73
CA GLU A 597 22.73 8.05 -8.60
C GLU A 597 21.93 7.40 -7.46
N ILE A 598 22.63 6.82 -6.48
CA ILE A 598 21.92 6.04 -5.44
C ILE A 598 21.08 6.96 -4.57
N THR A 599 21.34 8.26 -4.58
CA THR A 599 20.61 9.28 -3.79
C THR A 599 19.37 9.81 -4.53
N GLU A 600 19.08 9.33 -5.73
CA GLU A 600 18.02 9.95 -6.54
C GLU A 600 17.05 8.86 -7.01
N MET A 601 15.78 9.19 -7.07
CA MET A 601 14.71 8.19 -7.39
C MET A 601 13.93 8.64 -8.62
N PRO A 602 13.62 7.75 -9.59
CA PRO A 602 12.78 8.12 -10.73
C PRO A 602 11.31 8.28 -10.31
N VAL A 603 10.87 9.53 -10.24
CA VAL A 603 9.45 9.91 -9.98
C VAL A 603 9.12 10.96 -11.01
N PHE A 604 7.95 10.85 -11.62
CA PHE A 604 7.63 11.70 -12.79
C PHE A 604 6.24 12.31 -12.62
N ALA A 605 6.08 13.49 -13.21
CA ALA A 605 4.79 14.24 -13.21
C ALA A 605 4.55 14.75 -14.64
N LYS A 606 3.30 14.72 -15.08
CA LYS A 606 2.91 15.25 -16.40
C LYS A 606 2.90 16.78 -16.40
N ALA A 607 3.11 17.38 -17.57
CA ALA A 607 2.79 18.80 -17.79
C ALA A 607 1.38 19.04 -17.22
N GLY A 608 1.23 20.05 -16.37
CA GLY A 608 -0.05 20.44 -15.76
C GLY A 608 -0.21 19.82 -14.40
N ALA A 609 0.71 18.94 -13.98
CA ALA A 609 0.60 18.34 -12.63
C ALA A 609 0.64 19.45 -11.59
N ILE A 610 -0.17 19.30 -10.54
CA ILE A 610 -0.12 20.15 -9.32
C ILE A 610 0.02 19.22 -8.12
N ILE A 611 1.08 19.41 -7.36
CA ILE A 611 1.34 18.57 -6.17
C ILE A 611 1.46 19.49 -4.97
N PRO A 612 0.59 19.32 -3.95
CA PRO A 612 0.76 20.06 -2.71
C PRO A 612 1.87 19.39 -1.88
N LEU A 613 2.64 20.18 -1.16
CA LEU A 613 3.62 19.69 -0.17
C LEU A 613 3.48 20.47 1.13
N ASP A 614 3.68 19.81 2.26
CA ASP A 614 3.83 20.50 3.55
C ASP A 614 5.12 21.30 3.48
N LYS A 615 5.06 22.62 3.69
CA LYS A 615 6.28 23.46 3.69
C LYS A 615 7.08 23.20 4.97
N ASN A 616 6.44 22.75 6.03
CA ASN A 616 7.06 22.60 7.39
C ASN A 616 6.90 21.17 7.87
N PRO A 617 7.55 20.19 7.18
CA PRO A 617 7.34 18.79 7.54
C PRO A 617 7.81 18.42 8.95
N LEU A 618 8.75 19.18 9.53
CA LEU A 618 9.28 18.88 10.90
C LEU A 618 8.34 19.47 11.96
N LYS A 619 7.47 20.40 11.57
CA LYS A 619 6.67 21.20 12.53
C LYS A 619 5.52 20.32 13.01
N LYS A 620 5.43 20.12 14.32
CA LYS A 620 4.33 19.35 14.97
C LYS A 620 3.07 20.23 14.93
N GLU A 621 2.06 19.80 14.17
CA GLU A 621 0.81 20.55 13.96
C GLU A 621 -0.13 19.57 13.26
N GLU A 622 -1.39 19.50 13.70
CA GLU A 622 -2.28 18.41 13.22
C GLU A 622 -2.57 18.61 11.74
N ILE A 623 -2.59 19.85 11.23
CA ILE A 623 -2.71 20.08 9.76
C ILE A 623 -1.73 21.18 9.35
N PRO A 624 -1.17 21.13 8.13
CA PRO A 624 -0.15 22.10 7.76
C PRO A 624 -0.66 23.54 7.82
N SER A 625 0.10 24.39 8.51
CA SER A 625 -0.04 25.87 8.53
C SER A 625 0.40 26.46 7.19
N GLU A 626 1.23 25.74 6.41
CA GLU A 626 1.66 26.22 5.07
C GLU A 626 1.72 25.09 4.05
N ILE A 627 1.15 25.31 2.85
CA ILE A 627 1.22 24.36 1.72
C ILE A 627 2.04 24.98 0.60
N ILE A 628 2.96 24.20 0.03
CA ILE A 628 3.64 24.52 -1.25
C ILE A 628 2.80 23.88 -2.36
N TRP A 629 2.37 24.69 -3.33
CA TRP A 629 1.71 24.21 -4.57
C TRP A 629 2.81 24.09 -5.63
N LYS A 630 3.16 22.86 -5.98
CA LYS A 630 4.21 22.63 -6.97
C LYS A 630 3.56 22.33 -8.30
N ILE A 631 3.79 23.22 -9.26
CA ILE A 631 3.12 23.22 -10.57
C ILE A 631 4.17 22.87 -11.60
N PHE A 632 3.82 21.91 -12.47
CA PHE A 632 4.57 21.52 -13.67
C PHE A 632 3.95 22.24 -14.87
N PRO A 633 4.69 23.16 -15.50
CA PRO A 633 4.22 23.88 -16.68
C PRO A 633 3.87 23.02 -17.89
N GLY A 634 3.09 23.59 -18.80
CA GLY A 634 2.93 23.09 -20.18
C GLY A 634 1.53 22.63 -20.51
N ALA A 635 0.59 22.62 -19.55
CA ALA A 635 -0.80 22.13 -19.73
C ALA A 635 -1.64 22.63 -18.58
N ASP A 636 -2.96 22.52 -18.74
CA ASP A 636 -3.92 22.84 -17.66
C ASP A 636 -3.84 21.71 -16.64
N GLY A 637 -4.23 21.97 -15.42
CA GLY A 637 -4.33 20.91 -14.41
C GLY A 637 -5.22 21.30 -13.28
N GLU A 638 -5.39 20.38 -12.35
CA GLU A 638 -6.29 20.59 -11.20
C GLU A 638 -5.92 19.61 -10.10
N TYR A 639 -6.03 20.04 -8.85
CA TYR A 639 -5.82 19.17 -7.68
C TYR A 639 -6.81 19.59 -6.60
N LEU A 640 -7.51 18.61 -6.04
CA LEU A 640 -8.43 18.81 -4.89
C LEU A 640 -7.75 18.24 -3.62
N LEU A 641 -7.38 19.12 -2.69
CA LEU A 641 -6.80 18.77 -1.36
C LEU A 641 -7.92 18.56 -0.34
N LEU A 642 -8.29 17.30 -0.11
CA LEU A 642 -9.25 16.91 0.94
C LEU A 642 -8.53 16.85 2.29
N GLU A 643 -9.12 17.47 3.31
CA GLU A 643 -8.60 17.45 4.69
C GLU A 643 -9.71 17.09 5.67
N GLU A 644 -9.35 16.94 6.95
CA GLU A 644 -10.26 16.53 8.05
C GLU A 644 -11.50 17.45 8.05
N ASP A 645 -11.29 18.76 7.87
CA ASP A 645 -12.31 19.82 8.04
C ASP A 645 -12.25 20.86 6.90
N ASN A 646 -11.83 20.46 5.71
CA ASN A 646 -11.76 21.42 4.58
C ASN A 646 -11.59 20.68 3.25
N GLU A 647 -11.81 21.41 2.17
CA GLU A 647 -11.47 21.02 0.80
C GLU A 647 -10.90 22.26 0.12
N THR A 648 -9.73 22.14 -0.52
CA THR A 648 -9.04 23.26 -1.18
C THR A 648 -8.78 22.85 -2.61
N LYS A 649 -9.30 23.62 -3.57
CA LYS A 649 -9.16 23.32 -5.00
C LYS A 649 -8.08 24.23 -5.56
N ALA A 650 -7.09 23.64 -6.22
CA ALA A 650 -6.05 24.34 -7.01
C ALA A 650 -6.35 24.06 -8.48
N GLU A 651 -6.46 25.13 -9.24
CA GLU A 651 -6.80 25.07 -10.68
C GLU A 651 -5.72 25.80 -11.48
N PHE A 652 -5.30 25.19 -12.58
CA PHE A 652 -4.33 25.78 -13.53
C PHE A 652 -4.94 25.72 -14.92
N VAL A 653 -5.49 26.85 -15.36
CA VAL A 653 -6.31 26.95 -16.59
C VAL A 653 -5.82 28.14 -17.42
N ASN A 654 -5.33 27.89 -18.63
CA ASN A 654 -4.84 28.93 -19.56
C ASN A 654 -3.84 29.82 -18.82
N GLY A 655 -2.93 29.21 -18.04
CA GLY A 655 -1.86 29.90 -17.31
C GLY A 655 -2.32 30.66 -16.07
N ILE A 656 -3.58 30.55 -15.66
CA ILE A 656 -4.07 31.22 -14.42
C ILE A 656 -4.16 30.14 -13.34
N PHE A 657 -3.47 30.35 -12.22
CA PHE A 657 -3.51 29.44 -11.06
C PHE A 657 -4.46 30.05 -10.04
N THR A 658 -5.50 29.32 -9.63
CA THR A 658 -6.48 29.76 -8.63
C THR A 658 -6.53 28.73 -7.49
N VAL A 659 -6.53 29.22 -6.26
CA VAL A 659 -6.77 28.42 -5.03
C VAL A 659 -8.02 28.94 -4.32
N THR A 660 -9.00 28.06 -4.11
CA THR A 660 -10.23 28.32 -3.31
C THR A 660 -10.39 27.22 -2.25
N SER A 661 -11.02 27.52 -1.13
CA SER A 661 -11.33 26.53 -0.07
C SER A 661 -12.83 26.60 0.25
N LYS A 662 -13.41 25.49 0.71
CA LYS A 662 -14.78 25.48 1.27
C LYS A 662 -14.83 26.46 2.44
N LYS A 663 -13.95 26.31 3.42
CA LYS A 663 -13.91 27.14 4.66
C LYS A 663 -12.67 28.03 4.60
N GLU A 664 -12.71 29.21 5.22
CA GLU A 664 -11.53 30.12 5.32
C GLU A 664 -10.60 29.53 6.39
N SER A 665 -9.30 29.85 6.31
CA SER A 665 -8.30 29.54 7.36
C SER A 665 -7.14 30.54 7.29
N SER A 666 -6.26 30.48 8.27
CA SER A 666 -5.02 31.29 8.38
C SER A 666 -3.90 30.67 7.54
N ARG A 667 -4.18 29.58 6.81
CA ARG A 667 -3.12 28.83 6.07
C ARG A 667 -2.45 29.78 5.08
N LYS A 668 -1.11 29.73 5.01
CA LYS A 668 -0.26 30.46 4.05
C LYS A 668 0.17 29.53 2.91
N HIS A 669 -0.12 29.93 1.68
CA HIS A 669 0.16 29.18 0.43
C HIS A 669 1.44 29.69 -0.21
N THR A 670 2.31 28.77 -0.62
CA THR A 670 3.49 29.05 -1.45
C THR A 670 3.24 28.44 -2.82
N ILE A 671 3.59 29.17 -3.88
CA ILE A 671 3.48 28.68 -5.27
C ILE A 671 4.89 28.53 -5.83
N ILE A 672 5.20 27.34 -6.30
CA ILE A 672 6.44 27.07 -7.09
C ILE A 672 5.96 26.71 -8.49
N TYR A 673 6.26 27.56 -9.47
CA TYR A 673 5.94 27.32 -10.89
C TYR A 673 7.22 26.89 -11.60
N GLY A 674 7.27 25.62 -12.03
CA GLY A 674 8.50 24.95 -12.46
C GLY A 674 9.56 25.10 -11.40
N GLU A 675 10.53 25.97 -11.70
CA GLU A 675 11.81 26.20 -10.98
C GLU A 675 11.59 27.19 -9.82
N HIS A 676 10.75 28.20 -10.04
CA HIS A 676 10.79 29.50 -9.30
C HIS A 676 9.62 29.60 -8.31
N GLU A 677 9.92 29.98 -7.07
CA GLU A 677 8.90 30.40 -6.07
C GLU A 677 8.30 31.73 -6.54
N ILE A 678 7.01 31.73 -6.88
CA ILE A 678 6.27 32.92 -7.39
C ILE A 678 5.67 33.70 -6.22
N VAL A 679 4.96 33.03 -5.31
CA VAL A 679 4.25 33.63 -4.15
C VAL A 679 4.79 32.93 -2.91
N SER A 680 5.09 33.68 -1.84
CA SER A 680 5.54 33.13 -0.53
C SER A 680 4.49 33.45 0.54
N ALA A 681 3.99 32.42 1.24
CA ALA A 681 3.14 32.52 2.44
C ALA A 681 2.01 33.56 2.25
N LYS A 682 1.16 33.37 1.24
CA LYS A 682 -0.02 34.22 0.96
C LYS A 682 -1.26 33.59 1.59
N ARG A 683 -2.02 34.36 2.38
CA ARG A 683 -3.22 33.89 3.11
C ARG A 683 -4.44 33.94 2.19
N GLY A 684 -5.43 33.10 2.47
CA GLY A 684 -6.80 33.14 1.93
C GLY A 684 -6.86 32.68 0.50
N GLU A 685 -8.03 32.82 -0.12
CA GLU A 685 -8.28 32.47 -1.54
C GLU A 685 -7.61 33.52 -2.42
N PHE A 686 -7.23 33.15 -3.64
CA PHE A 686 -6.53 34.07 -4.57
C PHE A 686 -6.38 33.42 -5.93
N SER A 687 -6.04 34.26 -6.89
CA SER A 687 -5.72 33.91 -8.28
C SER A 687 -4.45 34.66 -8.67
N ILE A 688 -3.62 34.09 -9.54
CA ILE A 688 -2.38 34.75 -10.05
C ILE A 688 -2.11 34.23 -11.46
N ASP A 689 -1.67 35.12 -12.34
CA ASP A 689 -1.39 34.83 -13.76
C ASP A 689 0.10 34.47 -13.87
N LEU A 690 0.39 33.27 -14.39
CA LEU A 690 1.77 32.70 -14.49
C LEU A 690 2.19 32.65 -15.96
N ASN A 691 1.38 33.24 -16.85
CA ASN A 691 1.64 33.28 -18.31
C ASN A 691 2.94 34.03 -18.58
N GLY A 692 3.22 35.09 -17.81
CA GLY A 692 4.42 35.92 -17.98
C GLY A 692 5.59 35.45 -17.11
N LYS A 693 5.56 34.19 -16.64
CA LYS A 693 6.57 33.62 -15.70
C LYS A 693 7.34 32.51 -16.42
N GLU A 694 8.60 32.30 -16.04
CA GLU A 694 9.49 31.36 -16.75
C GLU A 694 8.94 29.95 -16.53
N GLU A 695 8.51 29.30 -17.63
CA GLU A 695 7.97 27.91 -17.71
C GLU A 695 9.08 26.86 -17.53
N ASN A 696 10.27 27.11 -18.07
CA ASN A 696 11.35 26.10 -18.23
C ASN A 696 12.04 25.84 -16.89
N PHE A 697 12.26 24.56 -16.57
CA PHE A 697 13.20 24.14 -15.48
C PHE A 697 14.62 24.49 -15.94
N ASP A 698 15.54 24.54 -14.98
CA ASP A 698 17.01 24.74 -15.17
C ASP A 698 17.64 23.51 -15.84
N TRP A 699 17.12 22.30 -15.60
CA TRP A 699 17.76 21.02 -16.02
C TRP A 699 18.34 21.21 -17.40
N ASN A 700 19.61 20.86 -17.61
CA ASN A 700 20.10 20.96 -19.01
C ASN A 700 21.09 19.85 -19.30
N PHE A 701 21.11 19.52 -20.57
CA PHE A 701 21.89 18.40 -21.14
C PHE A 701 23.35 18.51 -20.67
N SER A 702 23.97 19.68 -20.85
CA SER A 702 25.43 19.84 -20.67
C SER A 702 25.80 19.60 -19.21
N THR A 703 25.04 20.18 -18.27
CA THR A 703 25.32 19.99 -16.84
C THR A 703 25.18 18.50 -16.47
N ALA A 704 24.09 17.87 -16.91
CA ALA A 704 23.78 16.45 -16.61
C ALA A 704 24.87 15.55 -17.22
N LEU A 705 25.25 15.80 -18.48
CA LEU A 705 26.30 15.04 -19.18
C LEU A 705 27.59 15.11 -18.37
N PHE A 706 27.99 16.32 -17.94
CA PHE A 706 29.26 16.52 -17.22
C PHE A 706 29.21 15.67 -15.93
N ARG A 707 28.09 15.72 -15.21
CA ARG A 707 27.94 15.00 -13.92
C ARG A 707 28.06 13.48 -14.14
N ARG A 708 27.38 12.94 -15.16
CA ARG A 708 27.40 11.48 -15.40
C ARG A 708 28.83 11.07 -15.76
N LEU A 709 29.49 11.83 -16.63
CA LEU A 709 30.87 11.46 -17.01
C LEU A 709 31.78 11.55 -15.79
N ASP A 710 31.58 12.56 -14.95
CA ASP A 710 32.51 12.84 -13.83
C ASP A 710 32.43 11.74 -12.77
N ILE A 711 31.24 11.19 -12.48
CA ILE A 711 31.15 10.15 -11.42
C ILE A 711 31.59 8.80 -11.99
N ALA A 712 31.53 8.61 -13.30
CA ALA A 712 31.76 7.27 -13.91
C ALA A 712 33.18 6.75 -13.59
N GLU A 713 33.27 5.46 -13.25
CA GLU A 713 34.57 4.78 -13.04
C GLU A 713 34.99 4.20 -14.38
N ILE A 714 35.30 5.09 -15.31
CA ILE A 714 35.76 4.72 -16.65
C ILE A 714 37.05 5.53 -16.92
N SER A 715 37.64 5.31 -18.08
CA SER A 715 38.92 5.95 -18.49
C SER A 715 38.67 7.43 -18.67
N TYR A 716 39.63 8.23 -18.23
CA TYR A 716 39.55 9.69 -18.45
C TYR A 716 39.57 10.01 -19.95
N GLU A 717 40.29 9.24 -20.74
CA GLU A 717 40.36 9.50 -22.21
C GLU A 717 38.95 9.35 -22.80
N GLN A 718 38.19 8.33 -22.38
CA GLN A 718 36.76 8.18 -22.79
C GLN A 718 35.93 9.37 -22.31
N LYS A 719 36.07 9.81 -21.07
CA LYS A 719 35.31 10.98 -20.59
C LYS A 719 35.62 12.20 -21.47
N ASP A 720 36.91 12.48 -21.70
CA ASP A 720 37.38 13.65 -22.48
C ASP A 720 36.72 13.59 -23.86
N GLU A 721 36.81 12.44 -24.51
CA GLU A 721 36.30 12.32 -25.90
C GLU A 721 34.78 12.51 -25.95
N ILE A 722 34.02 11.95 -25.02
CA ILE A 722 32.54 12.03 -25.04
C ILE A 722 32.16 13.49 -24.82
N LEU A 723 32.75 14.15 -23.83
CA LEU A 723 32.39 15.55 -23.51
C LEU A 723 32.70 16.41 -24.74
N GLN A 724 33.88 16.22 -25.35
CA GLN A 724 34.34 17.06 -26.50
C GLN A 724 33.41 16.82 -27.71
N GLN A 725 33.12 15.55 -28.02
CA GLN A 725 32.38 15.20 -29.26
C GLN A 725 30.94 15.62 -29.10
N LEU A 726 30.33 15.39 -27.94
CA LEU A 726 28.91 15.75 -27.74
C LEU A 726 28.76 17.28 -27.68
N SER A 727 29.80 18.01 -27.25
CA SER A 727 29.76 19.51 -27.32
C SER A 727 29.94 19.98 -28.75
N LEU A 728 30.84 19.37 -29.52
CA LEU A 728 31.19 19.82 -30.89
C LEU A 728 30.06 19.46 -31.88
N ILE A 729 29.56 18.22 -31.85
CA ILE A 729 28.61 17.71 -32.88
C ILE A 729 27.28 18.41 -32.64
N GLU A 730 26.76 19.10 -33.66
CA GLU A 730 25.58 19.97 -33.50
C GLU A 730 24.29 19.19 -33.73
N GLU A 731 24.22 18.33 -34.74
CA GLU A 731 22.96 17.66 -35.14
C GLU A 731 22.68 16.50 -34.19
N HIS A 732 21.49 16.50 -33.61
CA HIS A 732 21.04 15.51 -32.61
C HIS A 732 21.26 14.08 -33.13
N GLU A 733 20.92 13.82 -34.40
CA GLU A 733 21.03 12.45 -34.98
C GLU A 733 22.50 12.02 -34.97
N LYS A 734 23.43 12.94 -35.17
CA LYS A 734 24.88 12.63 -35.21
C LYS A 734 25.42 12.52 -33.78
N GLN A 735 24.88 13.23 -32.82
CA GLN A 735 25.25 13.02 -31.39
C GLN A 735 24.86 11.59 -30.99
N VAL A 736 23.66 11.16 -31.40
CA VAL A 736 23.20 9.76 -31.13
C VAL A 736 24.11 8.80 -31.89
N ALA A 737 24.41 9.00 -33.18
CA ALA A 737 25.36 8.11 -33.90
C ALA A 737 26.71 8.01 -33.17
N PHE A 738 27.22 9.13 -32.61
CA PHE A 738 28.51 9.10 -31.89
C PHE A 738 28.40 8.16 -30.67
N ILE A 739 27.36 8.29 -29.87
CA ILE A 739 27.25 7.45 -28.63
C ILE A 739 27.00 6.00 -29.05
N LYS A 740 26.43 5.75 -30.23
CA LYS A 740 26.14 4.36 -30.70
C LYS A 740 27.44 3.58 -30.90
N THR A 741 28.58 4.26 -31.13
CA THR A 741 29.90 3.62 -31.36
C THR A 741 30.54 3.28 -30.02
N ASN A 742 29.98 3.69 -28.88
CA ASN A 742 30.70 3.49 -27.59
C ASN A 742 30.79 1.99 -27.26
N GLU A 743 31.97 1.55 -26.83
CA GLU A 743 32.20 0.12 -26.47
C GLU A 743 31.49 -0.23 -25.15
N ASN A 744 31.12 0.75 -24.34
CA ASN A 744 30.40 0.51 -23.07
C ASN A 744 28.90 0.58 -23.34
N GLN A 745 28.24 -0.56 -23.36
CA GLN A 745 26.81 -0.67 -23.81
C GLN A 745 25.90 0.05 -22.83
N GLU A 746 26.13 -0.07 -21.54
CA GLU A 746 25.30 0.63 -20.56
C GLU A 746 25.55 2.14 -20.60
N LEU A 747 26.80 2.54 -20.88
CA LEU A 747 27.14 3.99 -20.99
C LEU A 747 26.37 4.54 -22.18
N GLN A 748 26.26 3.76 -23.25
CA GLN A 748 25.43 4.18 -24.42
C GLN A 748 24.04 4.52 -23.94
N ASN A 749 23.44 3.63 -23.14
CA ASN A 749 22.04 3.77 -22.71
C ASN A 749 21.91 5.02 -21.83
N SER A 750 22.88 5.24 -20.96
CA SER A 750 22.84 6.43 -20.08
C SER A 750 22.95 7.70 -20.92
N LEU A 751 23.88 7.75 -21.85
CA LEU A 751 24.05 8.95 -22.73
C LEU A 751 22.80 9.11 -23.59
N PHE A 752 22.21 8.02 -24.06
CA PHE A 752 20.99 8.07 -24.88
C PHE A 752 19.82 8.70 -24.08
N GLU A 753 19.68 8.38 -22.81
CA GLU A 753 18.65 8.99 -21.94
C GLU A 753 18.83 10.52 -21.96
N LEU A 754 20.06 11.00 -21.77
CA LEU A 754 20.30 12.46 -21.78
C LEU A 754 19.96 13.05 -23.14
N LEU A 755 20.40 12.42 -24.21
CA LEU A 755 20.12 12.91 -25.58
C LEU A 755 18.61 12.93 -25.80
N TYR A 756 17.89 11.92 -25.32
CA TYR A 756 16.45 11.83 -25.58
C TYR A 756 15.72 12.97 -24.86
N SER A 757 16.13 13.24 -23.63
CA SER A 757 15.58 14.35 -22.82
C SER A 757 15.97 15.69 -23.46
N GLY A 758 17.16 15.79 -24.08
CA GLY A 758 17.64 17.05 -24.69
C GLY A 758 17.25 17.20 -26.16
N LYS A 759 16.38 16.35 -26.73
CA LYS A 759 16.06 16.31 -28.19
C LYS A 759 15.24 17.55 -28.58
#